data_1UEO
#
_entry.id   1UEO
#
_cell.length_a   1.000
_cell.length_b   1.000
_cell.length_c   1.000
_cell.angle_alpha   90.00
_cell.angle_beta   90.00
_cell.angle_gamma   90.00
#
_symmetry.space_group_name_H-M   'P 1'
#
_entity_poly.entity_id   1
_entity_poly.type   'polypeptide(L)'
_entity_poly.pdbx_seq_one_letter_code
;QVYKGGYARPIPRPPPFVRPLPGGPIGPYNGCPVSCRGISFSQARSCCSRLGRCCHVGKGYSG
;
_entity_poly.pdbx_strand_id   A
#
# COMPACT_ATOMS: atom_id res chain seq x y z
N GLN A 1 50.16 3.99 -7.20
CA GLN A 1 50.89 2.67 -7.16
C GLN A 1 50.53 1.82 -8.37
N VAL A 2 51.20 0.70 -8.52
CA VAL A 2 50.92 -0.20 -9.69
C VAL A 2 49.57 -0.92 -9.50
N TYR A 3 48.98 -1.39 -10.57
CA TYR A 3 47.66 -2.09 -10.46
C TYR A 3 47.88 -3.56 -10.08
N LYS A 4 47.36 -3.97 -8.95
CA LYS A 4 47.53 -5.40 -8.52
C LYS A 4 46.21 -6.16 -8.70
N GLY A 5 46.08 -6.91 -9.77
CA GLY A 5 44.83 -7.69 -10.02
C GLY A 5 44.96 -9.08 -9.40
N GLY A 6 45.20 -9.16 -8.11
CA GLY A 6 45.34 -10.49 -7.46
C GLY A 6 45.76 -10.31 -6.00
N TYR A 7 44.99 -9.57 -5.25
CA TYR A 7 45.33 -9.34 -3.81
C TYR A 7 45.15 -10.65 -3.02
N ALA A 8 46.24 -11.28 -2.65
CA ALA A 8 46.19 -12.57 -1.89
C ALA A 8 45.68 -13.71 -2.79
N ARG A 9 44.49 -13.58 -3.35
CA ARG A 9 43.95 -14.65 -4.23
C ARG A 9 44.45 -14.44 -5.68
N PRO A 10 45.02 -15.49 -6.24
CA PRO A 10 45.53 -15.41 -7.64
C PRO A 10 44.35 -15.41 -8.62
N ILE A 11 44.34 -14.45 -9.53
CA ILE A 11 43.23 -14.35 -10.53
C ILE A 11 41.86 -14.38 -9.82
N PRO A 12 41.60 -13.36 -9.04
CA PRO A 12 40.33 -13.26 -8.28
C PRO A 12 39.19 -12.76 -9.21
N ARG A 13 38.74 -13.59 -10.11
CA ARG A 13 37.65 -13.18 -11.04
C ARG A 13 36.36 -12.93 -10.24
N PRO A 14 35.83 -11.74 -10.39
CA PRO A 14 34.58 -11.36 -9.67
C PRO A 14 33.37 -12.10 -10.27
N PRO A 15 32.40 -12.37 -9.42
CA PRO A 15 31.17 -13.08 -9.88
C PRO A 15 30.30 -12.16 -10.74
N PRO A 16 29.42 -12.78 -11.51
CA PRO A 16 28.51 -12.01 -12.39
C PRO A 16 27.37 -11.37 -11.57
N PHE A 17 26.42 -10.77 -12.24
CA PHE A 17 25.27 -10.13 -11.52
C PHE A 17 24.41 -11.18 -10.82
N VAL A 18 23.82 -10.82 -9.71
CA VAL A 18 22.95 -11.78 -8.95
C VAL A 18 21.55 -11.17 -8.76
N ARG A 19 20.54 -12.00 -8.78
CA ARG A 19 19.14 -11.48 -8.59
C ARG A 19 18.96 -10.94 -7.16
N PRO A 20 18.71 -9.66 -7.07
CA PRO A 20 18.52 -9.02 -5.74
C PRO A 20 17.17 -9.43 -5.13
N LEU A 21 16.89 -8.97 -3.94
CA LEU A 21 15.60 -9.31 -3.27
C LEU A 21 14.96 -8.06 -2.67
N PRO A 22 13.97 -7.52 -3.35
CA PRO A 22 13.27 -6.30 -2.87
C PRO A 22 12.38 -6.63 -1.67
N GLY A 23 12.37 -5.79 -0.67
CA GLY A 23 11.51 -6.04 0.53
C GLY A 23 10.19 -5.30 0.39
N GLY A 24 10.23 -3.99 0.33
CA GLY A 24 8.98 -3.19 0.20
C GLY A 24 8.45 -2.82 1.59
N PRO A 25 7.48 -1.95 1.61
CA PRO A 25 6.86 -1.50 2.90
C PRO A 25 6.01 -2.63 3.51
N ILE A 26 5.88 -2.64 4.82
CA ILE A 26 5.09 -3.71 5.49
C ILE A 26 3.60 -3.32 5.51
N GLY A 27 2.74 -4.31 5.54
CA GLY A 27 1.26 -4.03 5.56
C GLY A 27 0.85 -3.29 4.30
N PRO A 28 0.82 -4.00 3.18
CA PRO A 28 0.43 -3.38 1.89
C PRO A 28 -1.09 -3.24 1.79
N TYR A 29 -1.84 -4.17 2.35
CA TYR A 29 -3.33 -4.09 2.28
C TYR A 29 -3.86 -3.15 3.38
N ASN A 30 -3.57 -1.88 3.28
CA ASN A 30 -4.06 -0.92 4.32
C ASN A 30 -4.70 0.31 3.67
N GLY A 31 -5.47 0.11 2.62
CA GLY A 31 -6.13 1.27 1.94
C GLY A 31 -6.80 0.82 0.64
N CYS A 32 -7.53 -0.26 0.66
CA CYS A 32 -8.23 -0.75 -0.59
C CYS A 32 -9.10 -1.97 -0.27
N PRO A 33 -10.26 -1.71 0.29
CA PRO A 33 -11.22 -2.79 0.64
C PRO A 33 -11.78 -3.46 -0.63
N VAL A 34 -12.13 -4.72 -0.54
CA VAL A 34 -12.69 -5.44 -1.74
C VAL A 34 -14.02 -4.81 -2.18
N SER A 35 -14.78 -4.25 -1.26
CA SER A 35 -16.09 -3.63 -1.63
C SER A 35 -15.88 -2.34 -2.44
N CYS A 36 -14.68 -1.81 -2.50
CA CYS A 36 -14.41 -0.56 -3.28
C CYS A 36 -15.22 0.61 -2.69
N ARG A 37 -15.52 0.55 -1.41
CA ARG A 37 -16.29 1.66 -0.77
C ARG A 37 -15.38 2.50 0.13
N GLY A 38 -15.63 3.79 0.21
CA GLY A 38 -14.79 4.67 1.08
C GLY A 38 -13.54 5.14 0.32
N ILE A 39 -13.57 5.13 -0.99
CA ILE A 39 -12.38 5.59 -1.78
C ILE A 39 -12.83 6.43 -2.97
N SER A 40 -11.97 7.29 -3.44
CA SER A 40 -12.31 8.15 -4.61
C SER A 40 -12.27 7.32 -5.90
N PHE A 41 -12.83 7.84 -6.96
CA PHE A 41 -12.82 7.09 -8.25
C PHE A 41 -11.38 6.82 -8.69
N SER A 42 -10.54 7.84 -8.68
CA SER A 42 -9.11 7.63 -9.08
C SER A 42 -8.40 6.71 -8.08
N GLN A 43 -8.77 6.78 -6.82
CA GLN A 43 -8.13 5.90 -5.79
C GLN A 43 -8.45 4.44 -6.12
N ALA A 44 -9.69 4.15 -6.41
CA ALA A 44 -10.09 2.75 -6.75
C ALA A 44 -9.37 2.30 -8.04
N ARG A 45 -9.22 3.19 -8.98
CA ARG A 45 -8.52 2.85 -10.26
C ARG A 45 -7.05 2.51 -9.96
N SER A 46 -6.44 3.27 -9.08
CA SER A 46 -5.01 3.03 -8.74
C SER A 46 -4.82 1.65 -8.10
N CYS A 47 -5.69 1.25 -7.20
CA CYS A 47 -5.55 -0.09 -6.56
C CYS A 47 -5.77 -1.22 -7.57
N CYS A 48 -6.61 -1.02 -8.56
CA CYS A 48 -6.84 -2.09 -9.57
C CYS A 48 -5.52 -2.47 -10.24
N SER A 49 -4.72 -1.50 -10.59
CA SER A 49 -3.41 -1.80 -11.24
C SER A 49 -2.33 -2.12 -10.19
N ARG A 50 -2.52 -1.67 -8.96
CA ARG A 50 -1.50 -1.94 -7.90
C ARG A 50 -1.67 -3.35 -7.32
N LEU A 51 -2.89 -3.83 -7.19
CA LEU A 51 -3.11 -5.19 -6.62
C LEU A 51 -4.29 -5.92 -7.28
N GLY A 52 -4.71 -5.48 -8.45
CA GLY A 52 -5.86 -6.17 -9.12
C GLY A 52 -7.11 -6.07 -8.25
N ARG A 53 -7.24 -5.00 -7.49
CA ARG A 53 -8.43 -4.85 -6.60
C ARG A 53 -9.25 -3.62 -7.01
N CYS A 54 -10.55 -3.76 -7.02
CA CYS A 54 -11.47 -2.63 -7.40
C CYS A 54 -11.23 -2.27 -8.87
N CYS A 55 -11.30 -3.25 -9.73
CA CYS A 55 -11.07 -3.03 -11.18
C CYS A 55 -12.40 -2.74 -11.90
N HIS A 56 -13.51 -3.13 -11.33
CA HIS A 56 -14.83 -2.87 -11.99
C HIS A 56 -15.64 -1.86 -11.17
N VAL A 57 -14.99 -0.82 -10.69
CA VAL A 57 -15.70 0.22 -9.89
C VAL A 57 -16.63 1.05 -10.78
N GLY A 58 -17.89 1.12 -10.44
CA GLY A 58 -18.85 1.92 -11.27
C GLY A 58 -19.49 1.01 -12.32
N LYS A 59 -20.80 0.97 -12.36
CA LYS A 59 -21.51 0.11 -13.37
C LYS A 59 -22.96 0.57 -13.54
N GLY A 60 -23.47 0.54 -14.74
CA GLY A 60 -24.88 0.97 -14.98
C GLY A 60 -24.98 2.50 -14.92
N TYR A 61 -26.17 3.03 -15.04
CA TYR A 61 -26.34 4.52 -14.97
C TYR A 61 -26.24 5.01 -13.53
N SER A 62 -25.82 6.22 -13.34
CA SER A 62 -25.69 6.78 -11.96
C SER A 62 -26.08 8.26 -11.94
N GLY A 63 -26.50 8.76 -10.81
CA GLY A 63 -26.89 10.20 -10.71
C GLY A 63 -28.16 10.45 -11.52
N GLN A 1 27.77 5.56 -58.65
CA GLN A 1 27.92 4.31 -57.86
C GLN A 1 27.14 4.40 -56.54
N VAL A 2 27.12 3.33 -55.79
CA VAL A 2 26.39 3.34 -54.48
C VAL A 2 27.21 4.10 -53.43
N TYR A 3 26.54 4.75 -52.51
CA TYR A 3 27.27 5.51 -51.45
C TYR A 3 27.52 4.62 -50.23
N LYS A 4 28.55 4.91 -49.47
CA LYS A 4 28.87 4.09 -48.27
C LYS A 4 28.54 4.86 -46.98
N GLY A 5 27.62 4.36 -46.20
CA GLY A 5 27.24 5.05 -44.93
C GLY A 5 26.85 4.01 -43.88
N GLY A 6 25.57 3.74 -43.76
CA GLY A 6 25.11 2.74 -42.74
C GLY A 6 23.77 2.15 -43.18
N TYR A 7 23.60 0.85 -43.03
CA TYR A 7 22.32 0.19 -43.43
C TYR A 7 21.18 0.63 -42.50
N ALA A 8 20.03 0.94 -43.06
CA ALA A 8 18.88 1.38 -42.21
C ALA A 8 17.94 0.18 -41.96
N ARG A 9 17.77 -0.20 -40.72
CA ARG A 9 16.87 -1.35 -40.41
C ARG A 9 15.42 -0.87 -40.24
N PRO A 10 14.52 -1.50 -40.96
CA PRO A 10 13.08 -1.14 -40.90
C PRO A 10 12.48 -1.55 -39.54
N ILE A 11 11.45 -0.85 -39.10
CA ILE A 11 10.81 -1.18 -37.78
C ILE A 11 11.87 -1.18 -36.67
N PRO A 12 12.27 0.01 -36.26
CA PRO A 12 13.29 0.14 -35.19
C PRO A 12 12.69 -0.22 -33.82
N ARG A 13 12.70 -1.50 -33.50
CA ARG A 13 12.14 -1.94 -32.19
C ARG A 13 13.23 -1.86 -31.10
N PRO A 14 12.89 -1.19 -30.01
CA PRO A 14 13.85 -1.06 -28.88
C PRO A 14 14.00 -2.39 -28.13
N PRO A 15 14.97 -2.44 -27.24
CA PRO A 15 15.22 -3.66 -26.44
C PRO A 15 14.10 -3.88 -25.41
N PRO A 16 13.43 -5.00 -25.52
CA PRO A 16 12.31 -5.31 -24.57
C PRO A 16 12.88 -5.68 -23.19
N PHE A 17 13.02 -4.71 -22.32
CA PHE A 17 13.54 -4.99 -20.95
C PHE A 17 12.40 -5.30 -19.98
N VAL A 18 12.69 -6.00 -18.93
CA VAL A 18 11.63 -6.34 -17.93
C VAL A 18 12.08 -5.91 -16.52
N ARG A 19 11.14 -5.50 -15.70
CA ARG A 19 11.50 -5.06 -14.31
C ARG A 19 11.78 -6.29 -13.43
N PRO A 20 12.91 -6.25 -12.76
CA PRO A 20 13.30 -7.38 -11.86
C PRO A 20 12.46 -7.38 -10.57
N LEU A 21 12.76 -8.24 -9.65
CA LEU A 21 11.99 -8.31 -8.38
C LEU A 21 12.26 -7.06 -7.52
N PRO A 22 11.19 -6.46 -7.03
CA PRO A 22 11.33 -5.24 -6.19
C PRO A 22 11.82 -5.60 -4.78
N GLY A 23 12.96 -5.08 -4.38
CA GLY A 23 13.50 -5.38 -3.02
C GLY A 23 12.72 -4.57 -1.98
N GLY A 24 11.60 -5.09 -1.53
CA GLY A 24 10.79 -4.35 -0.51
C GLY A 24 9.89 -3.33 -1.22
N PRO A 25 8.76 -3.81 -1.69
CA PRO A 25 7.79 -2.92 -2.41
C PRO A 25 7.10 -1.97 -1.42
N ILE A 26 6.76 -0.79 -1.87
CA ILE A 26 6.08 0.20 -0.97
C ILE A 26 4.56 0.09 -1.12
N GLY A 27 3.83 0.34 -0.06
CA GLY A 27 2.34 0.27 -0.13
C GLY A 27 1.88 -1.15 0.24
N PRO A 28 1.77 -1.40 1.53
CA PRO A 28 1.33 -2.73 2.03
C PRO A 28 -0.19 -2.89 1.87
N TYR A 29 -0.73 -3.98 2.35
CA TYR A 29 -2.21 -4.21 2.24
C TYR A 29 -2.95 -3.39 3.31
N ASN A 30 -2.96 -2.09 3.17
CA ASN A 30 -3.67 -1.23 4.17
C ASN A 30 -4.17 0.07 3.51
N GLY A 31 -4.69 -0.02 2.31
CA GLY A 31 -5.20 1.20 1.62
C GLY A 31 -6.05 0.80 0.41
N CYS A 32 -6.90 -0.19 0.55
CA CYS A 32 -7.75 -0.63 -0.59
C CYS A 32 -8.73 -1.71 -0.13
N PRO A 33 -9.89 -1.29 0.33
CA PRO A 33 -10.92 -2.25 0.80
C PRO A 33 -11.46 -3.10 -0.36
N VAL A 34 -11.71 -4.36 -0.12
CA VAL A 34 -12.24 -5.24 -1.21
C VAL A 34 -13.63 -4.78 -1.68
N SER A 35 -14.41 -4.19 -0.80
CA SER A 35 -15.77 -3.72 -1.19
C SER A 35 -15.69 -2.49 -2.12
N CYS A 36 -14.55 -1.84 -2.18
CA CYS A 36 -14.38 -0.64 -3.05
C CYS A 36 -15.38 0.47 -2.69
N ARG A 37 -15.84 0.49 -1.45
CA ARG A 37 -16.80 1.54 -1.03
C ARG A 37 -16.12 2.55 -0.10
N GLY A 38 -16.47 3.81 -0.20
CA GLY A 38 -15.85 4.84 0.68
C GLY A 38 -14.52 5.33 0.09
N ILE A 39 -14.32 5.18 -1.20
CA ILE A 39 -13.04 5.65 -1.83
C ILE A 39 -13.35 6.40 -3.13
N SER A 40 -12.46 7.26 -3.54
CA SER A 40 -12.66 8.04 -4.80
C SER A 40 -12.45 7.15 -6.02
N PHE A 41 -12.88 7.60 -7.17
CA PHE A 41 -12.69 6.80 -8.42
C PHE A 41 -11.20 6.56 -8.65
N SER A 42 -10.40 7.59 -8.59
CA SER A 42 -8.93 7.42 -8.79
C SER A 42 -8.34 6.51 -7.71
N GLN A 43 -8.85 6.58 -6.50
CA GLN A 43 -8.34 5.70 -5.41
C GLN A 43 -8.63 4.24 -5.77
N ALA A 44 -9.82 3.97 -6.21
CA ALA A 44 -10.19 2.57 -6.60
C ALA A 44 -9.47 2.21 -7.92
N ARG A 45 -9.29 3.18 -8.78
CA ARG A 45 -8.59 2.93 -10.08
C ARG A 45 -7.11 2.63 -9.85
N SER A 46 -6.49 3.30 -8.91
CA SER A 46 -5.04 3.06 -8.63
C SER A 46 -4.82 1.65 -8.05
N CYS A 47 -5.69 1.21 -7.18
CA CYS A 47 -5.53 -0.15 -6.57
C CYS A 47 -5.78 -1.25 -7.60
N CYS A 48 -6.65 -1.02 -8.55
CA CYS A 48 -6.94 -2.07 -9.58
C CYS A 48 -5.64 -2.45 -10.31
N SER A 49 -4.84 -1.48 -10.66
CA SER A 49 -3.56 -1.77 -11.39
C SER A 49 -2.45 -2.15 -10.40
N ARG A 50 -2.55 -1.71 -9.17
CA ARG A 50 -1.48 -2.04 -8.17
C ARG A 50 -1.72 -3.42 -7.52
N LEU A 51 -2.97 -3.80 -7.33
CA LEU A 51 -3.24 -5.11 -6.68
C LEU A 51 -4.41 -5.87 -7.34
N GLY A 52 -4.88 -5.41 -8.48
CA GLY A 52 -6.02 -6.11 -9.15
C GLY A 52 -7.28 -6.02 -8.27
N ARG A 53 -7.40 -4.99 -7.47
CA ARG A 53 -8.59 -4.85 -6.58
C ARG A 53 -9.42 -3.64 -7.00
N CYS A 54 -10.73 -3.77 -6.97
CA CYS A 54 -11.64 -2.65 -7.37
C CYS A 54 -11.42 -2.32 -8.84
N CYS A 55 -11.51 -3.32 -9.67
CA CYS A 55 -11.29 -3.12 -11.14
C CYS A 55 -12.61 -2.95 -11.90
N HIS A 56 -13.73 -3.27 -11.30
CA HIS A 56 -15.04 -3.12 -12.01
C HIS A 56 -15.98 -2.21 -11.22
N VAL A 57 -15.49 -1.13 -10.68
CA VAL A 57 -16.36 -0.20 -9.91
C VAL A 57 -16.56 1.10 -10.71
N GLY A 58 -17.74 1.32 -11.23
CA GLY A 58 -18.00 2.56 -12.02
C GLY A 58 -17.33 2.44 -13.38
N LYS A 59 -18.02 1.90 -14.35
CA LYS A 59 -17.43 1.75 -15.72
C LYS A 59 -17.16 3.13 -16.33
N GLY A 60 -15.91 3.50 -16.45
CA GLY A 60 -15.57 4.83 -17.03
C GLY A 60 -15.86 5.92 -16.00
N TYR A 61 -15.66 7.16 -16.36
CA TYR A 61 -15.93 8.28 -15.40
C TYR A 61 -17.44 8.55 -15.33
N SER A 62 -17.91 9.02 -14.20
CA SER A 62 -19.36 9.32 -14.05
C SER A 62 -19.57 10.54 -13.14
N GLY A 63 -20.68 11.20 -13.28
CA GLY A 63 -20.95 12.42 -12.44
C GLY A 63 -20.01 13.54 -12.85
N GLN A 1 58.13 -6.35 -13.28
CA GLN A 1 58.37 -5.44 -12.11
C GLN A 1 58.51 -6.26 -10.82
N VAL A 2 58.79 -5.59 -9.72
CA VAL A 2 58.94 -6.31 -8.42
C VAL A 2 57.56 -6.61 -7.83
N TYR A 3 57.46 -7.64 -7.03
CA TYR A 3 56.14 -7.98 -6.40
C TYR A 3 55.79 -6.98 -5.30
N LYS A 4 54.62 -6.39 -5.36
CA LYS A 4 54.20 -5.41 -4.32
C LYS A 4 53.31 -6.06 -3.26
N GLY A 5 53.76 -6.11 -2.04
CA GLY A 5 52.95 -6.74 -0.96
C GLY A 5 52.65 -5.69 0.13
N GLY A 6 51.79 -4.74 -0.16
CA GLY A 6 51.46 -3.70 0.85
C GLY A 6 50.99 -2.43 0.13
N TYR A 7 49.86 -1.91 0.51
CA TYR A 7 49.33 -0.66 -0.13
C TYR A 7 50.20 0.55 0.26
N ALA A 8 50.33 1.51 -0.63
CA ALA A 8 51.16 2.72 -0.33
C ALA A 8 50.59 3.46 0.89
N ARG A 9 49.29 3.40 1.09
CA ARG A 9 48.67 4.10 2.25
C ARG A 9 48.91 3.30 3.54
N PRO A 10 49.33 3.99 4.58
CA PRO A 10 49.61 3.32 5.88
C PRO A 10 48.30 2.92 6.57
N ILE A 11 48.26 1.73 7.13
CA ILE A 11 47.02 1.23 7.84
C ILE A 11 45.86 1.04 6.84
N PRO A 12 45.23 -0.11 6.91
CA PRO A 12 44.09 -0.41 6.01
C PRO A 12 42.83 0.35 6.44
N ARG A 13 42.81 1.64 6.18
CA ARG A 13 41.62 2.47 6.57
C ARG A 13 40.55 2.42 5.47
N PRO A 14 39.33 2.16 5.87
CA PRO A 14 38.20 2.08 4.91
C PRO A 14 37.84 3.48 4.38
N PRO A 15 37.40 3.52 3.13
CA PRO A 15 37.02 4.81 2.51
C PRO A 15 35.68 5.31 3.07
N PRO A 16 35.53 6.61 3.14
CA PRO A 16 34.28 7.22 3.66
C PRO A 16 33.14 7.08 2.63
N PHE A 17 32.40 6.01 2.71
CA PHE A 17 31.27 5.81 1.75
C PHE A 17 30.08 6.69 2.12
N VAL A 18 29.27 7.03 1.16
CA VAL A 18 28.08 7.89 1.43
C VAL A 18 26.94 7.05 2.02
N ARG A 19 26.20 7.61 2.93
CA ARG A 19 25.06 6.86 3.56
C ARG A 19 23.72 7.44 3.10
N PRO A 20 23.11 6.80 2.13
CA PRO A 20 21.80 7.28 1.59
C PRO A 20 20.68 7.02 2.61
N LEU A 21 19.47 7.37 2.25
CA LEU A 21 18.32 7.16 3.18
C LEU A 21 17.10 6.65 2.41
N PRO A 22 16.88 5.36 2.46
CA PRO A 22 15.73 4.74 1.74
C PRO A 22 14.42 5.02 2.49
N GLY A 23 13.31 4.93 1.81
CA GLY A 23 11.99 5.18 2.47
C GLY A 23 11.40 3.85 2.96
N GLY A 24 10.61 3.21 2.14
CA GLY A 24 10.01 1.90 2.56
C GLY A 24 8.66 2.14 3.23
N PRO A 25 7.60 1.96 2.48
CA PRO A 25 6.23 2.17 3.01
C PRO A 25 5.85 1.03 3.97
N ILE A 26 5.05 1.33 4.97
CA ILE A 26 4.64 0.28 5.95
C ILE A 26 3.18 -0.12 5.72
N GLY A 27 2.91 -1.40 5.73
CA GLY A 27 1.51 -1.87 5.52
C GLY A 27 1.18 -1.90 4.01
N PRO A 28 1.57 -2.97 3.37
CA PRO A 28 1.32 -3.13 1.92
C PRO A 28 -0.16 -3.41 1.64
N TYR A 29 -0.77 -4.28 2.42
CA TYR A 29 -2.22 -4.59 2.21
C TYR A 29 -3.06 -3.69 3.13
N ASN A 30 -2.80 -2.41 3.11
CA ASN A 30 -3.57 -1.47 3.97
C ASN A 30 -3.94 -0.19 3.20
N GLY A 31 -4.27 -0.34 1.94
CA GLY A 31 -4.64 0.86 1.12
C GLY A 31 -5.68 0.49 0.06
N CYS A 32 -6.65 -0.32 0.43
CA CYS A 32 -7.71 -0.72 -0.54
C CYS A 32 -8.82 -1.53 0.18
N PRO A 33 -10.00 -0.95 0.26
CA PRO A 33 -11.12 -1.64 0.92
C PRO A 33 -11.64 -2.79 0.05
N VAL A 34 -11.77 -3.97 0.62
CA VAL A 34 -12.25 -5.15 -0.17
C VAL A 34 -13.68 -4.90 -0.69
N SER A 35 -14.47 -4.12 0.01
CA SER A 35 -15.87 -3.84 -0.45
C SER A 35 -15.88 -2.95 -1.70
N CYS A 36 -14.76 -2.35 -2.05
CA CYS A 36 -14.70 -1.45 -3.25
C CYS A 36 -15.76 -0.34 -3.17
N ARG A 37 -16.12 0.08 -1.97
CA ARG A 37 -17.15 1.15 -1.83
C ARG A 37 -16.59 2.28 -0.95
N GLY A 38 -17.08 3.48 -1.16
CA GLY A 38 -16.59 4.64 -0.35
C GLY A 38 -15.16 5.02 -0.78
N ILE A 39 -14.86 4.91 -2.05
CA ILE A 39 -13.50 5.26 -2.54
C ILE A 39 -13.59 6.26 -3.70
N SER A 40 -12.55 7.02 -3.92
CA SER A 40 -12.57 8.01 -5.03
C SER A 40 -12.21 7.29 -6.34
N PHE A 41 -12.55 7.88 -7.47
CA PHE A 41 -12.22 7.23 -8.77
C PHE A 41 -10.70 7.02 -8.87
N SER A 42 -9.93 7.99 -8.44
CA SER A 42 -8.45 7.85 -8.49
C SER A 42 -7.98 6.77 -7.50
N GLN A 43 -8.63 6.67 -6.35
CA GLN A 43 -8.23 5.64 -5.35
C GLN A 43 -8.52 4.25 -5.92
N ALA A 44 -9.65 4.08 -6.57
CA ALA A 44 -10.00 2.75 -7.16
C ALA A 44 -9.05 2.42 -8.33
N ARG A 45 -8.65 3.43 -9.07
CA ARG A 45 -7.72 3.19 -10.23
C ARG A 45 -6.34 2.77 -9.71
N SER A 46 -5.93 3.29 -8.57
CA SER A 46 -4.59 2.95 -8.00
C SER A 46 -4.56 1.50 -7.52
N CYS A 47 -5.58 1.06 -6.80
CA CYS A 47 -5.59 -0.35 -6.29
C CYS A 47 -5.78 -1.35 -7.44
N CYS A 48 -6.51 -0.99 -8.46
CA CYS A 48 -6.73 -1.94 -9.60
C CYS A 48 -5.40 -2.25 -10.31
N SER A 49 -4.58 -1.26 -10.52
CA SER A 49 -3.28 -1.49 -11.22
C SER A 49 -2.21 -2.00 -10.25
N ARG A 50 -2.32 -1.71 -8.98
CA ARG A 50 -1.30 -2.18 -8.00
C ARG A 50 -1.66 -3.55 -7.43
N LEU A 51 -2.92 -3.88 -7.32
CA LEU A 51 -3.30 -5.21 -6.73
C LEU A 51 -4.43 -5.90 -7.53
N GLY A 52 -4.87 -5.34 -8.63
CA GLY A 52 -5.98 -6.00 -9.40
C GLY A 52 -7.27 -6.01 -8.56
N ARG A 53 -7.43 -5.04 -7.67
CA ARG A 53 -8.66 -5.00 -6.82
C ARG A 53 -9.46 -3.71 -7.08
N CYS A 54 -10.75 -3.80 -6.98
CA CYS A 54 -11.64 -2.61 -7.24
C CYS A 54 -11.42 -2.12 -8.66
N CYS A 55 -11.46 -3.02 -9.60
CA CYS A 55 -11.23 -2.67 -11.02
C CYS A 55 -12.55 -2.37 -11.75
N HIS A 56 -13.67 -2.76 -11.19
CA HIS A 56 -14.98 -2.49 -11.86
C HIS A 56 -15.83 -1.53 -11.03
N VAL A 57 -15.22 -0.51 -10.47
CA VAL A 57 -15.98 0.48 -9.64
C VAL A 57 -16.79 1.42 -10.55
N GLY A 58 -17.97 1.79 -10.14
CA GLY A 58 -18.81 2.71 -10.97
C GLY A 58 -19.70 1.88 -11.91
N LYS A 59 -20.72 2.49 -12.45
CA LYS A 59 -21.64 1.75 -13.38
C LYS A 59 -21.37 2.17 -14.82
N GLY A 60 -21.02 1.24 -15.68
CA GLY A 60 -20.74 1.58 -17.10
C GLY A 60 -19.24 1.87 -17.28
N TYR A 61 -18.80 2.05 -18.50
CA TYR A 61 -17.35 2.34 -18.73
C TYR A 61 -17.00 3.77 -18.31
N SER A 62 -15.76 4.01 -17.97
CA SER A 62 -15.33 5.38 -17.55
C SER A 62 -13.91 5.67 -18.06
N GLY A 63 -13.53 6.92 -18.09
CA GLY A 63 -12.16 7.27 -18.57
C GLY A 63 -11.21 7.39 -17.37
N GLN A 1 7.06 41.58 -6.93
CA GLN A 1 7.51 42.72 -7.80
C GLN A 1 8.85 43.28 -7.29
N VAL A 2 9.39 44.24 -8.00
CA VAL A 2 10.70 44.87 -7.60
C VAL A 2 11.83 43.83 -7.64
N TYR A 3 13.07 44.29 -7.68
CA TYR A 3 14.22 43.34 -7.72
C TYR A 3 14.56 42.87 -6.30
N LYS A 4 14.90 41.61 -6.15
CA LYS A 4 15.25 41.08 -4.79
C LYS A 4 16.61 41.62 -4.33
N GLY A 5 16.79 41.78 -3.05
CA GLY A 5 18.09 42.30 -2.52
C GLY A 5 18.91 41.14 -1.93
N GLY A 6 19.83 41.45 -1.05
CA GLY A 6 20.66 40.38 -0.42
C GLY A 6 21.91 40.14 -1.28
N TYR A 7 23.06 40.56 -0.78
CA TYR A 7 24.33 40.35 -1.56
C TYR A 7 24.63 38.86 -1.70
N ALA A 8 24.73 38.38 -2.92
CA ALA A 8 25.02 36.92 -3.15
C ALA A 8 24.00 36.05 -2.41
N ARG A 9 22.79 36.52 -2.25
CA ARG A 9 21.76 35.72 -1.53
C ARG A 9 20.45 35.69 -2.35
N PRO A 10 20.31 34.66 -3.14
CA PRO A 10 19.09 34.51 -3.99
C PRO A 10 17.88 34.12 -3.14
N ILE A 11 16.70 34.54 -3.54
CA ILE A 11 15.47 34.19 -2.76
C ILE A 11 14.88 32.86 -3.27
N PRO A 12 14.77 31.91 -2.36
CA PRO A 12 14.20 30.58 -2.71
C PRO A 12 12.69 30.67 -2.91
N ARG A 13 12.24 31.18 -4.03
CA ARG A 13 10.78 31.29 -4.29
C ARG A 13 10.19 29.91 -4.65
N PRO A 14 8.99 29.68 -4.17
CA PRO A 14 8.30 28.39 -4.42
C PRO A 14 7.82 28.31 -5.88
N PRO A 15 8.41 27.40 -6.63
CA PRO A 15 8.04 27.24 -8.06
C PRO A 15 6.68 26.52 -8.19
N PRO A 16 5.96 26.84 -9.23
CA PRO A 16 4.63 26.21 -9.47
C PRO A 16 4.80 24.78 -10.01
N PHE A 17 5.15 23.85 -9.15
CA PHE A 17 5.34 22.45 -9.60
C PHE A 17 3.99 21.72 -9.72
N VAL A 18 3.88 20.81 -10.64
CA VAL A 18 2.60 20.06 -10.83
C VAL A 18 2.79 18.60 -10.37
N ARG A 19 1.74 17.97 -9.90
CA ARG A 19 1.86 16.55 -9.44
C ARG A 19 2.16 15.62 -10.63
N PRO A 20 3.32 15.01 -10.59
CA PRO A 20 3.73 14.09 -11.67
C PRO A 20 2.99 12.74 -11.56
N LEU A 21 3.37 11.78 -12.37
CA LEU A 21 2.70 10.44 -12.31
C LEU A 21 3.19 9.65 -11.08
N PRO A 22 2.40 8.68 -10.68
CA PRO A 22 2.77 7.85 -9.50
C PRO A 22 3.93 6.91 -9.83
N GLY A 23 5.01 7.01 -9.11
CA GLY A 23 6.19 6.13 -9.37
C GLY A 23 6.68 5.51 -8.06
N GLY A 24 6.29 4.29 -7.78
CA GLY A 24 6.73 3.63 -6.52
C GLY A 24 5.71 3.92 -5.40
N PRO A 25 4.74 3.04 -5.28
CA PRO A 25 3.70 3.20 -4.23
C PRO A 25 4.26 2.91 -2.84
N ILE A 26 3.79 3.60 -1.83
CA ILE A 26 4.29 3.37 -0.45
C ILE A 26 3.16 2.83 0.44
N GLY A 27 3.51 2.17 1.52
CA GLY A 27 2.46 1.62 2.44
C GLY A 27 2.15 0.16 2.07
N PRO A 28 2.06 -0.67 3.08
CA PRO A 28 1.76 -2.12 2.86
C PRO A 28 0.27 -2.32 2.53
N TYR A 29 -0.23 -3.52 2.71
CA TYR A 29 -1.67 -3.80 2.41
C TYR A 29 -2.57 -3.09 3.43
N ASN A 30 -2.79 -1.80 3.25
CA ASN A 30 -3.65 -1.03 4.19
C ASN A 30 -4.16 0.26 3.53
N GLY A 31 -4.57 0.18 2.29
CA GLY A 31 -5.07 1.39 1.58
C GLY A 31 -5.94 0.98 0.38
N CYS A 32 -6.78 -0.02 0.55
CA CYS A 32 -7.65 -0.48 -0.57
C CYS A 32 -8.62 -1.55 -0.08
N PRO A 33 -9.82 -1.14 0.27
CA PRO A 33 -10.85 -2.08 0.76
C PRO A 33 -11.29 -3.03 -0.37
N VAL A 34 -11.74 -4.22 -0.03
CA VAL A 34 -12.18 -5.19 -1.08
C VAL A 34 -13.56 -4.81 -1.63
N SER A 35 -14.41 -4.23 -0.82
CA SER A 35 -15.77 -3.83 -1.29
C SER A 35 -15.71 -2.59 -2.20
N CYS A 36 -14.59 -1.90 -2.22
CA CYS A 36 -14.45 -0.67 -3.09
C CYS A 36 -15.46 0.42 -2.68
N ARG A 37 -15.91 0.40 -1.44
CA ARG A 37 -16.87 1.45 -1.00
C ARG A 37 -16.19 2.43 -0.05
N GLY A 38 -16.47 3.70 -0.16
CA GLY A 38 -15.83 4.72 0.73
C GLY A 38 -14.50 5.20 0.14
N ILE A 39 -14.32 5.07 -1.16
CA ILE A 39 -13.04 5.54 -1.79
C ILE A 39 -13.33 6.33 -3.07
N SER A 40 -12.39 7.12 -3.51
CA SER A 40 -12.59 7.93 -4.74
C SER A 40 -12.34 7.07 -5.99
N PHE A 41 -12.77 7.53 -7.13
CA PHE A 41 -12.53 6.76 -8.39
C PHE A 41 -11.03 6.56 -8.58
N SER A 42 -10.26 7.61 -8.44
CA SER A 42 -8.78 7.49 -8.60
C SER A 42 -8.21 6.53 -7.56
N GLN A 43 -8.74 6.55 -6.35
CA GLN A 43 -8.24 5.62 -5.30
C GLN A 43 -8.57 4.17 -5.70
N ALA A 44 -9.77 3.94 -6.18
CA ALA A 44 -10.17 2.56 -6.60
C ALA A 44 -9.45 2.19 -7.90
N ARG A 45 -9.25 3.15 -8.78
CA ARG A 45 -8.55 2.87 -10.05
C ARG A 45 -7.06 2.59 -9.80
N SER A 46 -6.47 3.29 -8.85
CA SER A 46 -5.04 3.08 -8.52
C SER A 46 -4.81 1.67 -7.96
N CYS A 47 -5.70 1.19 -7.12
CA CYS A 47 -5.52 -0.17 -6.52
C CYS A 47 -5.76 -1.27 -7.56
N CYS A 48 -6.65 -1.06 -8.50
CA CYS A 48 -6.92 -2.13 -9.53
C CYS A 48 -5.62 -2.48 -10.27
N SER A 49 -4.86 -1.48 -10.66
CA SER A 49 -3.58 -1.77 -11.38
C SER A 49 -2.47 -2.17 -10.41
N ARG A 50 -2.55 -1.77 -9.17
CA ARG A 50 -1.49 -2.12 -8.18
C ARG A 50 -1.75 -3.49 -7.52
N LEU A 51 -3.01 -3.85 -7.32
CA LEU A 51 -3.31 -5.15 -6.66
C LEU A 51 -4.46 -5.91 -7.34
N GLY A 52 -5.00 -5.40 -8.42
CA GLY A 52 -6.13 -6.13 -9.10
C GLY A 52 -7.42 -5.98 -8.27
N ARG A 53 -7.52 -4.97 -7.44
CA ARG A 53 -8.75 -4.78 -6.61
C ARG A 53 -9.54 -3.55 -7.07
N CYS A 54 -10.85 -3.64 -7.02
CA CYS A 54 -11.71 -2.49 -7.45
C CYS A 54 -11.48 -2.22 -8.93
N CYS A 55 -11.57 -3.24 -9.73
CA CYS A 55 -11.32 -3.09 -11.20
C CYS A 55 -12.63 -2.93 -11.98
N HIS A 56 -13.77 -3.22 -11.38
CA HIS A 56 -15.06 -3.08 -12.11
C HIS A 56 -16.03 -2.16 -11.35
N VAL A 57 -15.54 -1.07 -10.82
CA VAL A 57 -16.44 -0.13 -10.08
C VAL A 57 -16.69 1.13 -10.93
N GLY A 58 -17.92 1.37 -11.29
CA GLY A 58 -18.25 2.57 -12.13
C GLY A 58 -17.92 2.28 -13.59
N LYS A 59 -18.91 1.95 -14.38
CA LYS A 59 -18.66 1.66 -15.83
C LYS A 59 -18.76 2.95 -16.65
N GLY A 60 -17.63 3.46 -17.11
CA GLY A 60 -17.65 4.71 -17.92
C GLY A 60 -17.51 5.92 -16.98
N TYR A 61 -16.78 6.93 -17.41
CA TYR A 61 -16.60 8.14 -16.55
C TYR A 61 -17.89 8.96 -16.50
N SER A 62 -18.02 9.81 -15.52
CA SER A 62 -19.26 10.65 -15.39
C SER A 62 -19.00 12.06 -15.95
N GLY A 63 -20.00 12.89 -15.91
CA GLY A 63 -19.85 14.28 -16.42
C GLY A 63 -20.97 15.16 -15.87
N GLN A 1 -47.15 -27.74 18.88
CA GLN A 1 -45.98 -28.58 18.50
C GLN A 1 -44.69 -28.02 19.13
N VAL A 2 -43.59 -28.69 18.92
CA VAL A 2 -42.29 -28.21 19.50
C VAL A 2 -41.73 -27.05 18.65
N TYR A 3 -41.00 -26.16 19.28
CA TYR A 3 -40.42 -25.01 18.51
C TYR A 3 -39.25 -24.39 19.29
N LYS A 4 -38.52 -23.49 18.67
CA LYS A 4 -37.37 -22.84 19.37
C LYS A 4 -37.72 -21.40 19.74
N GLY A 5 -37.47 -21.01 20.97
CA GLY A 5 -37.79 -19.61 21.39
C GLY A 5 -37.29 -19.38 22.83
N GLY A 6 -38.12 -18.84 23.68
CA GLY A 6 -37.71 -18.58 25.09
C GLY A 6 -38.20 -19.72 25.98
N TYR A 7 -37.32 -20.58 26.40
CA TYR A 7 -37.74 -21.73 27.28
C TYR A 7 -37.89 -21.25 28.73
N ALA A 8 -39.11 -20.93 29.12
CA ALA A 8 -39.37 -20.45 30.53
C ALA A 8 -38.50 -19.23 30.87
N ARG A 9 -37.32 -19.43 31.40
CA ARG A 9 -36.44 -18.28 31.73
C ARG A 9 -35.44 -18.02 30.60
N PRO A 10 -35.47 -16.81 30.08
CA PRO A 10 -34.55 -16.44 28.97
C PRO A 10 -33.11 -16.29 29.49
N ILE A 11 -32.17 -16.96 28.86
CA ILE A 11 -30.75 -16.86 29.31
C ILE A 11 -29.81 -16.68 28.11
N PRO A 12 -29.11 -15.58 28.11
CA PRO A 12 -28.16 -15.27 27.00
C PRO A 12 -26.90 -16.15 27.11
N ARG A 13 -26.92 -17.30 26.49
CA ARG A 13 -25.74 -18.22 26.55
C ARG A 13 -24.56 -17.62 25.78
N PRO A 14 -23.39 -17.70 26.38
CA PRO A 14 -22.16 -17.15 25.76
C PRO A 14 -21.69 -18.05 24.59
N PRO A 15 -21.42 -17.43 23.47
CA PRO A 15 -20.96 -18.19 22.27
C PRO A 15 -19.49 -18.61 22.43
N PRO A 16 -19.19 -19.80 21.97
CA PRO A 16 -17.80 -20.32 22.05
C PRO A 16 -16.89 -19.60 21.04
N PHE A 17 -16.38 -18.45 21.40
CA PHE A 17 -15.49 -17.69 20.46
C PHE A 17 -14.07 -18.24 20.52
N VAL A 18 -13.32 -18.06 19.45
CA VAL A 18 -11.92 -18.55 19.42
C VAL A 18 -10.98 -17.54 20.08
N ARG A 19 -9.90 -18.01 20.66
CA ARG A 19 -8.94 -17.08 21.33
C ARG A 19 -8.19 -16.25 20.27
N PRO A 20 -8.14 -14.96 20.49
CA PRO A 20 -7.45 -14.04 19.53
C PRO A 20 -5.93 -14.22 19.61
N LEU A 21 -5.30 -14.46 18.49
CA LEU A 21 -3.82 -14.64 18.47
C LEU A 21 -3.12 -13.30 18.22
N PRO A 22 -2.13 -13.01 19.04
CA PRO A 22 -1.37 -11.74 18.90
C PRO A 22 -0.46 -11.79 17.66
N GLY A 23 -0.83 -11.10 16.61
CA GLY A 23 0.00 -11.11 15.37
C GLY A 23 0.12 -9.67 14.82
N GLY A 24 -0.98 -8.99 14.66
CA GLY A 24 -0.93 -7.59 14.12
C GLY A 24 -1.10 -7.62 12.59
N PRO A 25 -1.47 -6.48 12.05
CA PRO A 25 -1.68 -6.37 10.58
C PRO A 25 -0.34 -6.40 9.84
N ILE A 26 -0.32 -6.98 8.66
CA ILE A 26 0.95 -7.06 7.87
C ILE A 26 0.65 -6.99 6.36
N GLY A 27 1.63 -6.65 5.57
CA GLY A 27 1.42 -6.56 4.09
C GLY A 27 0.99 -5.14 3.70
N PRO A 28 1.04 -4.87 2.42
CA PRO A 28 0.65 -3.54 1.89
C PRO A 28 -0.88 -3.34 1.89
N TYR A 29 -1.63 -4.33 2.30
CA TYR A 29 -3.12 -4.20 2.33
C TYR A 29 -3.57 -3.23 3.42
N ASN A 30 -3.48 -1.94 3.16
CA ASN A 30 -3.90 -0.94 4.17
C ASN A 30 -4.47 0.31 3.49
N GLY A 31 -5.34 0.12 2.53
CA GLY A 31 -5.94 1.29 1.81
C GLY A 31 -6.63 0.83 0.52
N CYS A 32 -7.47 -0.19 0.60
CA CYS A 32 -8.19 -0.70 -0.61
C CYS A 32 -9.07 -1.89 -0.24
N PRO A 33 -10.24 -1.57 0.29
CA PRO A 33 -11.20 -2.64 0.70
C PRO A 33 -11.75 -3.40 -0.53
N VAL A 34 -12.27 -4.59 -0.31
CA VAL A 34 -12.82 -5.39 -1.45
C VAL A 34 -14.14 -4.79 -1.95
N SER A 35 -14.89 -4.14 -1.08
CA SER A 35 -16.19 -3.54 -1.51
C SER A 35 -15.98 -2.27 -2.36
N CYS A 36 -14.76 -1.81 -2.49
CA CYS A 36 -14.50 -0.57 -3.30
C CYS A 36 -15.29 0.63 -2.74
N ARG A 37 -15.57 0.61 -1.45
CA ARG A 37 -16.34 1.74 -0.83
C ARG A 37 -15.41 2.57 0.07
N GLY A 38 -15.75 3.82 0.28
CA GLY A 38 -14.90 4.70 1.14
C GLY A 38 -13.66 5.18 0.38
N ILE A 39 -13.67 5.09 -0.93
CA ILE A 39 -12.49 5.55 -1.72
C ILE A 39 -12.95 6.36 -2.94
N SER A 40 -12.08 7.12 -3.54
CA SER A 40 -12.45 7.93 -4.73
C SER A 40 -12.26 7.10 -6.00
N PHE A 41 -12.76 7.59 -7.11
CA PHE A 41 -12.60 6.84 -8.40
C PHE A 41 -11.11 6.66 -8.70
N SER A 42 -10.34 7.70 -8.53
CA SER A 42 -8.86 7.60 -8.79
C SER A 42 -8.22 6.64 -7.79
N GLN A 43 -8.64 6.68 -6.54
CA GLN A 43 -8.06 5.74 -5.53
C GLN A 43 -8.43 4.30 -5.88
N ALA A 44 -9.66 4.08 -6.27
CA ALA A 44 -10.09 2.70 -6.64
C ALA A 44 -9.39 2.28 -7.94
N ARG A 45 -9.24 3.20 -8.86
CA ARG A 45 -8.55 2.88 -10.15
C ARG A 45 -7.07 2.56 -9.87
N SER A 46 -6.47 3.29 -8.96
CA SER A 46 -5.04 3.04 -8.62
C SER A 46 -4.84 1.64 -8.03
N CYS A 47 -5.71 1.21 -7.14
CA CYS A 47 -5.57 -0.14 -6.53
C CYS A 47 -5.79 -1.25 -7.57
N CYS A 48 -6.63 -1.02 -8.56
CA CYS A 48 -6.87 -2.08 -9.59
C CYS A 48 -5.55 -2.42 -10.29
N SER A 49 -4.76 -1.43 -10.61
CA SER A 49 -3.45 -1.70 -11.29
C SER A 49 -2.35 -2.03 -10.26
N ARG A 50 -2.52 -1.61 -9.02
CA ARG A 50 -1.48 -1.88 -7.99
C ARG A 50 -1.69 -3.26 -7.35
N LEU A 51 -2.92 -3.70 -7.21
CA LEU A 51 -3.18 -5.03 -6.57
C LEU A 51 -4.31 -5.81 -7.27
N GLY A 52 -4.79 -5.34 -8.40
CA GLY A 52 -5.89 -6.08 -9.10
C GLY A 52 -7.20 -5.97 -8.29
N ARG A 53 -7.34 -4.95 -7.48
CA ARG A 53 -8.59 -4.81 -6.67
C ARG A 53 -9.39 -3.57 -7.10
N CYS A 54 -10.69 -3.67 -7.07
CA CYS A 54 -11.57 -2.53 -7.49
C CYS A 54 -11.31 -2.19 -8.96
N CYS A 55 -11.33 -3.21 -9.78
CA CYS A 55 -11.07 -3.01 -11.23
C CYS A 55 -12.38 -2.72 -11.98
N HIS A 56 -13.51 -3.16 -11.46
CA HIS A 56 -14.81 -2.89 -12.14
C HIS A 56 -15.59 -1.82 -11.36
N VAL A 57 -14.90 -0.83 -10.85
CA VAL A 57 -15.58 0.26 -10.08
C VAL A 57 -16.55 1.02 -11.00
N GLY A 58 -17.80 1.10 -10.62
CA GLY A 58 -18.80 1.81 -11.47
C GLY A 58 -19.44 0.81 -12.45
N LYS A 59 -20.55 1.17 -13.04
CA LYS A 59 -21.22 0.24 -14.01
C LYS A 59 -20.62 0.40 -15.41
N GLY A 60 -19.45 -0.16 -15.63
CA GLY A 60 -18.80 -0.04 -16.97
C GLY A 60 -18.07 1.29 -17.08
N TYR A 61 -16.91 1.30 -17.70
CA TYR A 61 -16.16 2.57 -17.86
C TYR A 61 -16.83 3.46 -18.90
N SER A 62 -16.63 4.76 -18.80
CA SER A 62 -17.26 5.70 -19.78
C SER A 62 -16.46 7.00 -19.89
N GLY A 63 -16.92 7.91 -20.69
CA GLY A 63 -16.21 9.21 -20.86
C GLY A 63 -17.04 10.15 -21.73
N GLN A 1 10.78 -11.44 25.58
CA GLN A 1 11.49 -12.58 26.25
C GLN A 1 10.76 -13.89 25.98
N VAL A 2 11.36 -14.99 26.37
CA VAL A 2 10.72 -16.32 26.16
C VAL A 2 10.97 -17.22 27.38
N TYR A 3 9.91 -17.78 27.94
CA TYR A 3 10.03 -18.67 29.15
C TYR A 3 10.64 -17.89 30.33
N LYS A 4 10.71 -18.51 31.48
CA LYS A 4 11.29 -17.83 32.68
C LYS A 4 12.65 -18.46 33.03
N GLY A 5 13.70 -17.93 32.48
CA GLY A 5 15.06 -18.48 32.77
C GLY A 5 16.13 -17.61 32.11
N GLY A 6 17.35 -17.66 32.62
CA GLY A 6 18.44 -16.84 32.03
C GLY A 6 18.17 -15.36 32.28
N TYR A 7 17.70 -15.03 33.46
CA TYR A 7 17.41 -13.59 33.78
C TYR A 7 18.54 -13.00 34.64
N ALA A 8 19.12 -11.91 34.20
CA ALA A 8 20.22 -11.27 34.98
C ALA A 8 20.06 -9.75 34.96
N ARG A 9 19.07 -9.23 35.65
CA ARG A 9 18.83 -7.75 35.70
C ARG A 9 18.84 -7.15 34.29
N PRO A 10 17.87 -7.54 33.48
CA PRO A 10 17.76 -7.03 32.10
C PRO A 10 17.07 -5.66 32.08
N ILE A 11 17.74 -4.65 31.58
CA ILE A 11 17.12 -3.29 31.52
C ILE A 11 17.21 -2.72 30.09
N PRO A 12 16.33 -3.18 29.24
CA PRO A 12 16.31 -2.73 27.83
C PRO A 12 15.66 -1.34 27.71
N ARG A 13 15.30 -0.95 26.52
CA ARG A 13 14.66 0.37 26.31
C ARG A 13 13.20 0.35 26.79
N PRO A 14 12.72 1.50 27.16
CA PRO A 14 11.31 1.63 27.64
C PRO A 14 10.32 1.53 26.47
N PRO A 15 9.22 0.87 26.71
CA PRO A 15 8.18 0.69 25.66
C PRO A 15 7.40 2.00 25.44
N PRO A 16 7.17 2.32 24.19
CA PRO A 16 6.42 3.55 23.84
C PRO A 16 4.92 3.36 24.09
N PHE A 17 4.23 4.41 24.43
CA PHE A 17 2.76 4.32 24.68
C PHE A 17 2.00 4.25 23.35
N VAL A 18 0.91 3.53 23.33
CA VAL A 18 0.08 3.40 22.08
C VAL A 18 0.90 2.76 20.95
N ARG A 19 0.24 2.31 19.90
CA ARG A 19 0.97 1.69 18.76
C ARG A 19 0.94 2.62 17.54
N PRO A 20 1.93 3.47 17.44
CA PRO A 20 2.01 4.41 16.30
C PRO A 20 2.38 3.68 15.01
N LEU A 21 2.46 4.40 13.91
CA LEU A 21 2.82 3.76 12.60
C LEU A 21 4.05 4.45 12.01
N PRO A 22 5.19 3.81 12.15
CA PRO A 22 6.45 4.38 11.62
C PRO A 22 6.51 4.26 10.09
N GLY A 23 6.45 5.38 9.40
CA GLY A 23 6.50 5.35 7.90
C GLY A 23 5.19 4.80 7.34
N GLY A 24 4.07 5.33 7.78
CA GLY A 24 2.75 4.84 7.27
C GLY A 24 2.36 3.56 8.00
N PRO A 25 1.15 3.11 7.72
CA PRO A 25 0.63 1.86 8.35
C PRO A 25 1.38 0.63 7.82
N ILE A 26 1.89 -0.21 8.70
CA ILE A 26 2.62 -1.43 8.25
C ILE A 26 1.72 -2.28 7.35
N GLY A 27 2.28 -2.86 6.32
CA GLY A 27 1.47 -3.70 5.40
C GLY A 27 0.94 -2.82 4.25
N PRO A 28 1.09 -3.31 3.03
CA PRO A 28 0.63 -2.56 1.84
C PRO A 28 -0.90 -2.55 1.74
N TYR A 29 -1.56 -3.55 2.28
CA TYR A 29 -3.05 -3.60 2.23
C TYR A 29 -3.66 -2.69 3.30
N ASN A 30 -3.46 -1.40 3.18
CA ASN A 30 -4.03 -0.46 4.20
C ASN A 30 -4.73 0.72 3.52
N GLY A 31 -5.43 0.48 2.44
CA GLY A 31 -6.13 1.59 1.73
C GLY A 31 -6.79 1.08 0.45
N CYS A 32 -7.48 -0.04 0.51
CA CYS A 32 -8.15 -0.58 -0.70
C CYS A 32 -9.03 -1.79 -0.34
N PRO A 33 -10.19 -1.51 0.20
CA PRO A 33 -11.14 -2.58 0.59
C PRO A 33 -11.70 -3.28 -0.65
N VAL A 34 -11.95 -4.57 -0.56
CA VAL A 34 -12.50 -5.32 -1.74
C VAL A 34 -13.88 -4.78 -2.13
N SER A 35 -14.64 -4.28 -1.17
CA SER A 35 -16.00 -3.73 -1.49
C SER A 35 -15.90 -2.44 -2.31
N CYS A 36 -14.72 -1.88 -2.46
CA CYS A 36 -14.55 -0.61 -3.25
C CYS A 36 -15.39 0.53 -2.66
N ARG A 37 -15.64 0.49 -1.38
CA ARG A 37 -16.44 1.56 -0.73
C ARG A 37 -15.54 2.42 0.16
N GLY A 38 -15.88 3.68 0.32
CA GLY A 38 -15.05 4.59 1.18
C GLY A 38 -13.76 4.99 0.45
N ILE A 39 -13.75 4.95 -0.87
CA ILE A 39 -12.52 5.33 -1.62
C ILE A 39 -12.87 6.27 -2.78
N SER A 40 -11.93 7.03 -3.24
CA SER A 40 -12.19 7.96 -4.38
C SER A 40 -12.11 7.19 -5.69
N PHE A 41 -12.65 7.73 -6.76
CA PHE A 41 -12.60 7.03 -8.07
C PHE A 41 -11.14 6.75 -8.45
N SER A 42 -10.29 7.75 -8.37
CA SER A 42 -8.85 7.55 -8.71
C SER A 42 -8.20 6.58 -7.73
N GLN A 43 -8.64 6.59 -6.48
CA GLN A 43 -8.06 5.66 -5.47
C GLN A 43 -8.41 4.22 -5.86
N ALA A 44 -9.64 3.98 -6.27
CA ALA A 44 -10.05 2.61 -6.67
C ALA A 44 -9.36 2.23 -7.99
N ARG A 45 -9.20 3.18 -8.88
CA ARG A 45 -8.53 2.90 -10.18
C ARG A 45 -7.05 2.57 -9.97
N SER A 46 -6.41 3.29 -9.06
CA SER A 46 -4.95 3.03 -8.79
C SER A 46 -4.76 1.64 -8.17
N CYS A 47 -5.67 1.21 -7.32
CA CYS A 47 -5.51 -0.14 -6.68
C CYS A 47 -5.78 -1.26 -7.68
N CYS A 48 -6.65 -1.05 -8.65
CA CYS A 48 -6.93 -2.14 -9.63
C CYS A 48 -5.63 -2.53 -10.36
N SER A 49 -4.84 -1.57 -10.75
CA SER A 49 -3.56 -1.89 -11.44
C SER A 49 -2.44 -2.19 -10.45
N ARG A 50 -2.55 -1.69 -9.24
CA ARG A 50 -1.47 -1.95 -8.22
C ARG A 50 -1.67 -3.31 -7.53
N LEU A 51 -2.89 -3.75 -7.35
CA LEU A 51 -3.12 -5.06 -6.66
C LEU A 51 -4.30 -5.84 -7.26
N GLY A 52 -4.79 -5.44 -8.42
CA GLY A 52 -5.92 -6.19 -9.04
C GLY A 52 -7.17 -6.08 -8.14
N ARG A 53 -7.31 -4.99 -7.43
CA ARG A 53 -8.49 -4.83 -6.52
C ARG A 53 -9.32 -3.62 -6.95
N CYS A 54 -10.63 -3.75 -6.91
CA CYS A 54 -11.54 -2.64 -7.31
C CYS A 54 -11.33 -2.32 -8.78
N CYS A 55 -11.45 -3.32 -9.61
CA CYS A 55 -11.25 -3.14 -11.07
C CYS A 55 -12.58 -2.92 -11.81
N HIS A 56 -13.70 -3.24 -11.19
CA HIS A 56 -15.02 -3.03 -11.85
C HIS A 56 -15.80 -1.93 -11.14
N VAL A 57 -15.15 -0.86 -10.77
CA VAL A 57 -15.85 0.26 -10.07
C VAL A 57 -16.54 1.17 -11.10
N GLY A 58 -17.84 1.33 -11.00
CA GLY A 58 -18.57 2.20 -11.97
C GLY A 58 -19.02 1.35 -13.16
N LYS A 59 -20.25 1.50 -13.58
CA LYS A 59 -20.79 0.70 -14.75
C LYS A 59 -20.78 -0.80 -14.41
N GLY A 60 -21.91 -1.36 -14.09
CA GLY A 60 -21.97 -2.81 -13.75
C GLY A 60 -21.79 -2.97 -12.24
N TYR A 61 -21.73 -4.19 -11.76
CA TYR A 61 -21.55 -4.43 -10.30
C TYR A 61 -20.09 -4.18 -9.89
N SER A 62 -19.85 -3.96 -8.62
CA SER A 62 -18.45 -3.70 -8.14
C SER A 62 -17.57 -4.95 -8.36
N GLY A 63 -16.29 -4.75 -8.49
CA GLY A 63 -15.37 -5.90 -8.70
C GLY A 63 -14.09 -5.70 -7.88
N GLN A 1 31.52 -5.28 20.81
CA GLN A 1 30.37 -4.40 20.46
C GLN A 1 29.07 -4.96 21.03
N VAL A 2 27.99 -4.23 20.90
CA VAL A 2 26.66 -4.69 21.44
C VAL A 2 26.79 -5.08 22.91
N TYR A 3 26.92 -4.10 23.78
CA TYR A 3 27.06 -4.38 25.25
C TYR A 3 28.40 -5.07 25.55
N LYS A 4 29.01 -4.74 26.68
CA LYS A 4 30.32 -5.36 27.05
C LYS A 4 31.37 -5.11 25.96
N GLY A 5 31.97 -3.95 25.95
CA GLY A 5 33.00 -3.63 24.92
C GLY A 5 33.85 -2.44 25.38
N GLY A 6 35.15 -2.60 25.44
CA GLY A 6 36.03 -1.48 25.87
C GLY A 6 36.26 -0.51 24.70
N TYR A 7 35.29 0.32 24.40
CA TYR A 7 35.45 1.29 23.29
C TYR A 7 34.94 2.67 23.71
N ALA A 8 35.83 3.61 23.93
CA ALA A 8 35.41 4.98 24.35
C ALA A 8 34.75 5.71 23.17
N ARG A 9 35.43 5.79 22.05
CA ARG A 9 34.85 6.50 20.87
C ARG A 9 35.12 5.68 19.59
N PRO A 10 34.38 4.61 19.44
CA PRO A 10 34.53 3.74 18.24
C PRO A 10 33.94 4.42 17.01
N ILE A 11 34.74 5.22 16.33
CA ILE A 11 34.24 5.95 15.11
C ILE A 11 33.02 6.81 15.46
N PRO A 12 33.27 7.92 16.11
CA PRO A 12 32.17 8.84 16.52
C PRO A 12 31.62 9.60 15.30
N ARG A 13 30.76 8.95 14.55
CA ARG A 13 30.16 9.62 13.34
C ARG A 13 28.81 8.96 13.00
N PRO A 14 27.97 9.72 12.36
CA PRO A 14 26.62 9.21 11.97
C PRO A 14 26.73 8.18 10.83
N PRO A 15 26.06 7.06 11.00
CA PRO A 15 26.09 5.99 9.96
C PRO A 15 25.24 6.38 8.74
N PRO A 16 25.70 6.00 7.58
CA PRO A 16 24.97 6.32 6.33
C PRO A 16 23.75 5.41 6.16
N PHE A 17 22.97 5.64 5.13
CA PHE A 17 21.74 4.80 4.91
C PHE A 17 22.13 3.46 4.27
N VAL A 18 21.24 2.51 4.34
CA VAL A 18 21.52 1.16 3.75
C VAL A 18 21.27 1.19 2.23
N ARG A 19 21.95 0.35 1.50
CA ARG A 19 21.76 0.30 0.01
C ARG A 19 20.36 -0.24 -0.32
N PRO A 20 19.66 0.46 -1.18
CA PRO A 20 18.30 0.05 -1.59
C PRO A 20 18.36 -1.21 -2.48
N LEU A 21 17.23 -1.68 -2.93
CA LEU A 21 17.20 -2.89 -3.81
C LEU A 21 16.46 -2.60 -5.11
N PRO A 22 16.61 -3.48 -6.08
CA PRO A 22 15.94 -3.30 -7.39
C PRO A 22 14.42 -3.50 -7.25
N GLY A 23 13.65 -2.49 -7.55
CA GLY A 23 12.16 -2.61 -7.43
C GLY A 23 11.71 -2.00 -6.10
N GLY A 24 11.52 -2.81 -5.09
CA GLY A 24 11.08 -2.28 -3.77
C GLY A 24 9.58 -1.98 -3.80
N PRO A 25 8.79 -2.98 -3.48
CA PRO A 25 7.32 -2.81 -3.47
C PRO A 25 6.88 -1.97 -2.26
N ILE A 26 6.08 -0.95 -2.49
CA ILE A 26 5.62 -0.09 -1.36
C ILE A 26 4.09 0.04 -1.38
N GLY A 27 3.51 0.36 -0.25
CA GLY A 27 2.03 0.51 -0.18
C GLY A 27 1.39 -0.84 0.19
N PRO A 28 1.34 -1.10 1.47
CA PRO A 28 0.76 -2.39 1.96
C PRO A 28 -0.77 -2.37 1.84
N TYR A 29 -1.43 -3.34 2.41
CA TYR A 29 -2.93 -3.39 2.34
C TYR A 29 -3.54 -2.42 3.36
N ASN A 30 -3.32 -1.14 3.17
CA ASN A 30 -3.88 -0.13 4.12
C ASN A 30 -4.56 1.01 3.37
N GLY A 31 -5.27 0.70 2.32
CA GLY A 31 -5.96 1.78 1.54
C GLY A 31 -6.67 1.19 0.32
N CYS A 32 -7.38 0.09 0.49
CA CYS A 32 -8.11 -0.53 -0.67
C CYS A 32 -8.95 -1.72 -0.19
N PRO A 33 -10.11 -1.42 0.34
CA PRO A 33 -11.03 -2.48 0.84
C PRO A 33 -11.60 -3.31 -0.32
N VAL A 34 -11.79 -4.59 -0.12
CA VAL A 34 -12.34 -5.46 -1.21
C VAL A 34 -13.75 -4.99 -1.61
N SER A 35 -14.48 -4.41 -0.70
CA SER A 35 -15.87 -3.93 -1.03
C SER A 35 -15.81 -2.71 -1.97
N CYS A 36 -14.64 -2.17 -2.24
CA CYS A 36 -14.51 -0.99 -3.15
C CYS A 36 -15.32 0.21 -2.63
N ARG A 37 -15.56 0.27 -1.34
CA ARG A 37 -16.34 1.41 -0.77
C ARG A 37 -15.44 2.27 0.11
N GLY A 38 -15.81 3.50 0.32
CA GLY A 38 -14.98 4.41 1.18
C GLY A 38 -13.72 4.86 0.42
N ILE A 39 -13.74 4.82 -0.89
CA ILE A 39 -12.55 5.26 -1.68
C ILE A 39 -12.99 6.14 -2.86
N SER A 40 -12.11 7.00 -3.30
CA SER A 40 -12.46 7.89 -4.45
C SER A 40 -12.28 7.12 -5.77
N PHE A 41 -12.75 7.68 -6.85
CA PHE A 41 -12.61 7.00 -8.18
C PHE A 41 -11.12 6.79 -8.49
N SER A 42 -10.33 7.83 -8.35
CA SER A 42 -8.86 7.69 -8.62
C SER A 42 -8.23 6.67 -7.67
N GLN A 43 -8.69 6.63 -6.44
CA GLN A 43 -8.14 5.66 -5.45
C GLN A 43 -8.45 4.23 -5.90
N ALA A 44 -9.67 4.00 -6.33
CA ALA A 44 -10.06 2.62 -6.79
C ALA A 44 -9.31 2.26 -8.07
N ARG A 45 -9.04 3.23 -8.91
CA ARG A 45 -8.30 2.95 -10.18
C ARG A 45 -6.84 2.60 -9.87
N SER A 46 -6.25 3.28 -8.92
CA SER A 46 -4.83 3.00 -8.55
C SER A 46 -4.67 1.59 -7.97
N CYS A 47 -5.61 1.16 -7.14
CA CYS A 47 -5.51 -0.20 -6.54
C CYS A 47 -5.77 -1.30 -7.58
N CYS A 48 -6.61 -1.05 -8.55
CA CYS A 48 -6.89 -2.10 -9.58
C CYS A 48 -5.60 -2.51 -10.30
N SER A 49 -4.77 -1.57 -10.63
CA SER A 49 -3.49 -1.91 -11.33
C SER A 49 -2.40 -2.29 -10.33
N ARG A 50 -2.50 -1.80 -9.11
CA ARG A 50 -1.45 -2.13 -8.09
C ARG A 50 -1.75 -3.48 -7.40
N LEU A 51 -2.99 -3.83 -7.24
CA LEU A 51 -3.32 -5.12 -6.55
C LEU A 51 -4.47 -5.88 -7.23
N GLY A 52 -4.94 -5.44 -8.37
CA GLY A 52 -6.06 -6.16 -9.05
C GLY A 52 -7.34 -6.04 -8.22
N ARG A 53 -7.49 -4.98 -7.45
CA ARG A 53 -8.71 -4.81 -6.60
C ARG A 53 -9.52 -3.59 -7.06
N CYS A 54 -10.82 -3.72 -7.08
CA CYS A 54 -11.71 -2.59 -7.51
C CYS A 54 -11.43 -2.24 -8.97
N CYS A 55 -11.56 -3.23 -9.83
CA CYS A 55 -11.29 -3.01 -11.27
C CYS A 55 -12.59 -2.81 -12.08
N HIS A 56 -13.73 -2.97 -11.46
CA HIS A 56 -15.02 -2.79 -12.20
C HIS A 56 -15.93 -1.81 -11.45
N VAL A 57 -15.41 -0.70 -11.00
CA VAL A 57 -16.25 0.30 -10.27
C VAL A 57 -16.81 1.33 -11.25
N GLY A 58 -18.11 1.38 -11.40
CA GLY A 58 -18.74 2.37 -12.34
C GLY A 58 -18.86 1.74 -13.73
N LYS A 59 -20.06 1.61 -14.23
CA LYS A 59 -20.26 1.02 -15.59
C LYS A 59 -21.18 1.89 -16.43
N GLY A 60 -20.68 2.45 -17.50
CA GLY A 60 -21.53 3.33 -18.37
C GLY A 60 -21.43 4.78 -17.91
N TYR A 61 -22.15 5.67 -18.54
CA TYR A 61 -22.10 7.11 -18.15
C TYR A 61 -22.93 7.34 -16.87
N SER A 62 -22.72 8.45 -16.22
CA SER A 62 -23.49 8.75 -14.97
C SER A 62 -24.91 9.20 -15.31
N GLY A 63 -25.80 9.19 -14.35
CA GLY A 63 -27.21 9.61 -14.60
C GLY A 63 -27.36 11.09 -14.24
N GLN A 1 36.92 -11.20 -33.28
CA GLN A 1 38.36 -11.12 -33.68
C GLN A 1 39.27 -11.40 -32.47
N VAL A 2 40.55 -11.50 -32.71
CA VAL A 2 41.51 -11.78 -31.59
C VAL A 2 42.38 -10.53 -31.33
N TYR A 3 42.08 -9.81 -30.28
CA TYR A 3 42.88 -8.59 -29.96
C TYR A 3 42.96 -8.38 -28.44
N LYS A 4 44.08 -7.90 -27.95
CA LYS A 4 44.23 -7.67 -26.48
C LYS A 4 45.32 -6.63 -26.20
N GLY A 5 45.05 -5.70 -25.33
CA GLY A 5 46.07 -4.65 -25.01
C GLY A 5 46.84 -5.06 -23.75
N GLY A 6 47.55 -4.12 -23.15
CA GLY A 6 48.33 -4.44 -21.92
C GLY A 6 47.57 -3.95 -20.68
N TYR A 7 47.53 -2.66 -20.47
CA TYR A 7 46.80 -2.12 -19.29
C TYR A 7 45.47 -1.48 -19.73
N ALA A 8 44.39 -1.87 -19.11
CA ALA A 8 43.06 -1.30 -19.48
C ALA A 8 42.06 -1.49 -18.34
N ARG A 9 42.12 -0.67 -17.32
CA ARG A 9 41.17 -0.78 -16.18
C ARG A 9 40.08 0.29 -16.27
N PRO A 10 38.90 -0.13 -16.66
CA PRO A 10 37.76 0.82 -16.79
C PRO A 10 37.26 1.27 -15.41
N ILE A 11 37.03 2.56 -15.26
CA ILE A 11 36.54 3.12 -13.95
C ILE A 11 37.55 2.85 -12.83
N PRO A 12 38.36 3.84 -12.52
CA PRO A 12 39.38 3.71 -11.45
C PRO A 12 38.70 3.69 -10.07
N ARG A 13 39.45 3.95 -9.04
CA ARG A 13 38.87 3.95 -7.65
C ARG A 13 37.82 5.07 -7.54
N PRO A 14 36.58 4.67 -7.31
CA PRO A 14 35.48 5.65 -7.18
C PRO A 14 35.57 6.39 -5.83
N PRO A 15 34.94 7.54 -5.77
CA PRO A 15 34.95 8.36 -4.53
C PRO A 15 34.05 7.73 -3.45
N PRO A 16 34.42 7.94 -2.21
CA PRO A 16 33.64 7.38 -1.09
C PRO A 16 32.34 8.17 -0.89
N PHE A 17 31.45 7.67 -0.06
CA PHE A 17 30.16 8.37 0.19
C PHE A 17 29.53 7.89 1.50
N VAL A 18 28.64 8.67 2.05
CA VAL A 18 27.97 8.27 3.33
C VAL A 18 26.94 7.16 3.07
N ARG A 19 26.86 6.19 3.94
CA ARG A 19 25.88 5.08 3.75
C ARG A 19 24.82 5.12 4.87
N PRO A 20 23.67 5.66 4.53
CA PRO A 20 22.56 5.76 5.51
C PRO A 20 21.92 4.38 5.76
N LEU A 21 20.97 4.31 6.66
CA LEU A 21 20.31 3.00 6.95
C LEU A 21 19.11 2.78 6.01
N PRO A 22 18.84 1.53 5.73
CA PRO A 22 17.72 1.17 4.83
C PRO A 22 16.38 1.36 5.56
N GLY A 23 15.40 1.94 4.90
CA GLY A 23 14.07 2.14 5.54
C GLY A 23 12.95 1.82 4.54
N GLY A 24 12.33 2.82 3.98
CA GLY A 24 11.23 2.57 2.99
C GLY A 24 9.89 2.49 3.72
N PRO A 25 8.82 2.60 2.95
CA PRO A 25 7.45 2.54 3.53
C PRO A 25 7.11 1.12 3.95
N ILE A 26 6.26 0.97 4.95
CA ILE A 26 5.87 -0.39 5.42
C ILE A 26 4.35 -0.55 5.40
N GLY A 27 3.89 -1.77 5.27
CA GLY A 27 2.41 -2.02 5.24
C GLY A 27 1.83 -1.56 3.90
N PRO A 28 1.99 -2.40 2.90
CA PRO A 28 1.47 -2.07 1.54
C PRO A 28 -0.06 -2.25 1.48
N TYR A 29 -0.58 -3.30 2.06
CA TYR A 29 -2.06 -3.54 2.03
C TYR A 29 -2.75 -2.72 3.14
N ASN A 30 -2.79 -1.42 2.98
CA ASN A 30 -3.45 -0.56 4.01
C ASN A 30 -4.15 0.63 3.35
N GLY A 31 -4.84 0.41 2.25
CA GLY A 31 -5.54 1.53 1.56
C GLY A 31 -6.32 1.00 0.35
N CYS A 32 -7.06 -0.07 0.52
CA CYS A 32 -7.85 -0.63 -0.62
C CYS A 32 -8.83 -1.70 -0.12
N PRO A 33 -10.02 -1.27 0.22
CA PRO A 33 -11.06 -2.21 0.71
C PRO A 33 -11.59 -3.09 -0.43
N VAL A 34 -11.81 -4.35 -0.17
CA VAL A 34 -12.33 -5.27 -1.25
C VAL A 34 -13.78 -4.89 -1.62
N SER A 35 -14.52 -4.32 -0.69
CA SER A 35 -15.93 -3.92 -0.99
C SER A 35 -15.96 -2.77 -2.02
N CYS A 36 -14.86 -2.07 -2.21
CA CYS A 36 -14.81 -0.94 -3.18
C CYS A 36 -15.85 0.14 -2.84
N ARG A 37 -16.22 0.25 -1.59
CA ARG A 37 -17.21 1.29 -1.19
C ARG A 37 -16.52 2.39 -0.38
N GLY A 38 -16.95 3.61 -0.54
CA GLY A 38 -16.33 4.74 0.21
C GLY A 38 -14.93 5.03 -0.33
N ILE A 39 -14.71 4.86 -1.62
CA ILE A 39 -13.36 5.14 -2.20
C ILE A 39 -13.48 6.13 -3.36
N SER A 40 -12.43 6.85 -3.63
CA SER A 40 -12.46 7.83 -4.76
C SER A 40 -12.15 7.11 -6.07
N PHE A 41 -12.54 7.68 -7.19
CA PHE A 41 -12.26 7.03 -8.51
C PHE A 41 -10.75 6.79 -8.66
N SER A 42 -9.95 7.77 -8.28
CA SER A 42 -8.47 7.60 -8.37
C SER A 42 -7.99 6.53 -7.38
N GLN A 43 -8.63 6.44 -6.24
CA GLN A 43 -8.23 5.40 -5.23
C GLN A 43 -8.52 4.01 -5.79
N ALA A 44 -9.65 3.84 -6.43
CA ALA A 44 -10.01 2.51 -7.00
C ALA A 44 -9.17 2.23 -8.26
N ARG A 45 -8.75 3.27 -8.95
CA ARG A 45 -7.93 3.08 -10.18
C ARG A 45 -6.50 2.69 -9.81
N SER A 46 -5.98 3.23 -8.73
CA SER A 46 -4.59 2.90 -8.32
C SER A 46 -4.49 1.46 -7.79
N CYS A 47 -5.46 1.02 -7.02
CA CYS A 47 -5.40 -0.38 -6.48
C CYS A 47 -5.69 -1.41 -7.57
N CYS A 48 -6.49 -1.08 -8.55
CA CYS A 48 -6.80 -2.06 -9.63
C CYS A 48 -5.54 -2.40 -10.44
N SER A 49 -4.75 -1.39 -10.76
CA SER A 49 -3.51 -1.64 -11.56
C SER A 49 -2.35 -2.09 -10.67
N ARG A 50 -2.36 -1.76 -9.42
CA ARG A 50 -1.24 -2.16 -8.51
C ARG A 50 -1.53 -3.49 -7.81
N LEU A 51 -2.79 -3.83 -7.60
CA LEU A 51 -3.11 -5.12 -6.89
C LEU A 51 -4.27 -5.87 -7.55
N GLY A 52 -4.80 -5.39 -8.64
CA GLY A 52 -5.95 -6.11 -9.29
C GLY A 52 -7.17 -6.08 -8.36
N ARG A 53 -7.30 -5.07 -7.54
CA ARG A 53 -8.46 -4.98 -6.61
C ARG A 53 -9.29 -3.73 -6.90
N CYS A 54 -10.60 -3.84 -6.78
CA CYS A 54 -11.51 -2.68 -7.06
C CYS A 54 -11.37 -2.28 -8.52
N CYS A 55 -11.52 -3.24 -9.40
CA CYS A 55 -11.39 -2.97 -10.86
C CYS A 55 -12.77 -2.78 -11.52
N HIS A 56 -13.84 -2.94 -10.77
CA HIS A 56 -15.21 -2.76 -11.35
C HIS A 56 -15.98 -1.68 -10.56
N VAL A 57 -15.33 -0.58 -10.28
CA VAL A 57 -16.00 0.51 -9.50
C VAL A 57 -16.63 1.53 -10.47
N GLY A 58 -17.94 1.60 -10.50
CA GLY A 58 -18.63 2.56 -11.42
C GLY A 58 -18.67 1.98 -12.82
N LYS A 59 -19.70 1.23 -13.13
CA LYS A 59 -19.81 0.62 -14.50
C LYS A 59 -21.27 0.24 -14.81
N GLY A 60 -21.71 0.48 -16.02
CA GLY A 60 -23.11 0.13 -16.40
C GLY A 60 -24.04 1.30 -16.04
N TYR A 61 -24.78 1.78 -16.99
CA TYR A 61 -25.73 2.91 -16.72
C TYR A 61 -27.00 2.41 -16.05
N SER A 62 -27.75 3.29 -15.46
CA SER A 62 -29.02 2.87 -14.77
C SER A 62 -30.12 2.61 -15.79
N GLY A 63 -31.19 1.99 -15.37
CA GLY A 63 -32.32 1.70 -16.31
C GLY A 63 -33.51 1.14 -15.53
N GLN A 1 27.32 -37.67 11.81
CA GLN A 1 28.10 -38.68 12.62
C GLN A 1 29.47 -38.11 13.00
N VAL A 2 30.20 -38.82 13.84
CA VAL A 2 31.56 -38.37 14.29
C VAL A 2 31.46 -37.08 15.12
N TYR A 3 32.31 -36.95 16.12
CA TYR A 3 32.28 -35.73 17.01
C TYR A 3 30.95 -35.62 17.75
N LYS A 4 30.83 -34.68 18.64
CA LYS A 4 29.55 -34.52 19.41
C LYS A 4 28.57 -33.66 18.62
N GLY A 5 27.36 -34.13 18.45
CA GLY A 5 26.33 -33.34 17.69
C GLY A 5 25.16 -34.24 17.31
N GLY A 6 24.33 -33.78 16.40
CA GLY A 6 23.16 -34.60 15.96
C GLY A 6 23.60 -35.66 14.97
N TYR A 7 23.73 -36.88 15.40
CA TYR A 7 24.17 -37.99 14.48
C TYR A 7 23.13 -38.18 13.37
N ALA A 8 23.54 -37.99 12.13
CA ALA A 8 22.59 -38.14 10.98
C ALA A 8 21.34 -37.28 11.21
N ARG A 9 21.53 -36.03 11.60
CA ARG A 9 20.36 -35.13 11.84
C ARG A 9 20.43 -33.90 10.93
N PRO A 10 19.28 -33.48 10.46
CA PRO A 10 19.21 -32.29 9.57
C PRO A 10 19.47 -31.00 10.36
N ILE A 11 20.72 -30.61 10.46
CA ILE A 11 21.05 -29.37 11.22
C ILE A 11 20.75 -28.13 10.37
N PRO A 12 20.39 -27.06 11.05
CA PRO A 12 20.05 -25.78 10.37
C PRO A 12 21.33 -25.12 9.82
N ARG A 13 21.71 -25.46 8.61
CA ARG A 13 22.94 -24.86 8.00
C ARG A 13 22.68 -23.40 7.61
N PRO A 14 23.59 -22.53 7.99
CA PRO A 14 23.48 -21.09 7.65
C PRO A 14 23.76 -20.85 6.16
N PRO A 15 22.85 -20.15 5.51
CA PRO A 15 23.01 -19.84 4.06
C PRO A 15 24.06 -18.74 3.85
N PRO A 16 25.00 -19.02 2.97
CA PRO A 16 26.08 -18.03 2.67
C PRO A 16 25.53 -16.88 1.82
N PHE A 17 25.18 -15.77 2.45
CA PHE A 17 24.63 -14.61 1.69
C PHE A 17 24.90 -13.30 2.43
N VAL A 18 25.01 -12.21 1.71
CA VAL A 18 25.26 -10.90 2.37
C VAL A 18 23.94 -10.31 2.89
N ARG A 19 23.97 -9.62 4.00
CA ARG A 19 22.71 -9.03 4.57
C ARG A 19 22.14 -7.98 3.60
N PRO A 20 20.99 -8.28 3.04
CA PRO A 20 20.34 -7.35 2.09
C PRO A 20 19.64 -6.21 2.86
N LEU A 21 18.90 -5.39 2.16
CA LEU A 21 18.17 -4.27 2.83
C LEU A 21 16.73 -4.18 2.29
N PRO A 22 15.90 -5.08 2.75
CA PRO A 22 14.48 -5.11 2.32
C PRO A 22 13.68 -3.98 2.98
N GLY A 23 13.00 -3.18 2.19
CA GLY A 23 12.20 -2.05 2.77
C GLY A 23 10.77 -2.13 2.26
N GLY A 24 10.36 -1.18 1.45
CA GLY A 24 8.97 -1.19 0.90
C GLY A 24 8.01 -0.50 1.88
N PRO A 25 6.85 -0.16 1.39
CA PRO A 25 5.83 0.51 2.24
C PRO A 25 5.22 -0.48 3.25
N ILE A 26 4.78 0.01 4.38
CA ILE A 26 4.18 -0.89 5.40
C ILE A 26 2.69 -1.13 5.09
N GLY A 27 2.17 -2.26 5.48
CA GLY A 27 0.73 -2.57 5.22
C GLY A 27 0.55 -2.97 3.75
N PRO A 28 0.77 -4.23 3.46
CA PRO A 28 0.63 -4.73 2.07
C PRO A 28 -0.86 -4.87 1.69
N TYR A 29 -1.64 -5.55 2.50
CA TYR A 29 -3.09 -5.72 2.19
C TYR A 29 -3.94 -4.92 3.17
N ASN A 30 -3.56 -3.69 3.43
CA ASN A 30 -4.34 -2.84 4.39
C ASN A 30 -4.62 -1.46 3.77
N GLY A 31 -4.83 -1.41 2.49
CA GLY A 31 -5.11 -0.09 1.83
C GLY A 31 -5.95 -0.31 0.57
N CYS A 32 -6.89 -1.23 0.62
CA CYS A 32 -7.75 -1.50 -0.57
C CYS A 32 -8.88 -2.48 -0.20
N PRO A 33 -9.97 -1.93 0.28
CA PRO A 33 -11.13 -2.76 0.67
C PRO A 33 -11.80 -3.41 -0.56
N VAL A 34 -12.21 -4.65 -0.45
CA VAL A 34 -12.86 -5.34 -1.61
C VAL A 34 -14.20 -4.66 -1.94
N SER A 35 -14.86 -4.06 -0.97
CA SER A 35 -16.16 -3.38 -1.23
C SER A 35 -15.97 -2.14 -2.12
N CYS A 36 -14.76 -1.61 -2.18
CA CYS A 36 -14.49 -0.39 -3.03
C CYS A 36 -15.37 0.78 -2.59
N ARG A 37 -15.74 0.84 -1.34
CA ARG A 37 -16.59 1.96 -0.85
C ARG A 37 -15.75 2.96 -0.03
N GLY A 38 -16.07 4.23 -0.10
CA GLY A 38 -15.30 5.25 0.67
C GLY A 38 -14.02 5.65 -0.09
N ILE A 39 -14.02 5.53 -1.40
CA ILE A 39 -12.81 5.93 -2.19
C ILE A 39 -13.23 6.72 -3.44
N SER A 40 -12.32 7.46 -4.00
CA SER A 40 -12.63 8.25 -5.22
C SER A 40 -12.46 7.38 -6.47
N PHE A 41 -12.93 7.85 -7.60
CA PHE A 41 -12.78 7.06 -8.86
C PHE A 41 -11.29 6.85 -9.15
N SER A 42 -10.50 7.90 -9.03
CA SER A 42 -9.03 7.76 -9.28
C SER A 42 -8.40 6.83 -8.23
N GLN A 43 -8.84 6.91 -7.00
CA GLN A 43 -8.27 6.03 -5.94
C GLN A 43 -8.58 4.57 -6.27
N ALA A 44 -9.80 4.29 -6.69
CA ALA A 44 -10.18 2.90 -7.06
C ALA A 44 -9.40 2.44 -8.29
N ARG A 45 -9.21 3.33 -9.24
CA ARG A 45 -8.43 2.98 -10.47
C ARG A 45 -6.97 2.72 -10.10
N SER A 46 -6.44 3.50 -9.18
CA SER A 46 -5.02 3.34 -8.76
C SER A 46 -4.76 1.97 -8.11
N CYS A 47 -5.68 1.49 -7.30
CA CYS A 47 -5.44 0.16 -6.64
C CYS A 47 -5.69 -1.00 -7.61
N CYS A 48 -6.56 -0.82 -8.58
CA CYS A 48 -6.80 -1.95 -9.54
C CYS A 48 -5.50 -2.33 -10.24
N SER A 49 -4.71 -1.36 -10.61
CA SER A 49 -3.42 -1.67 -11.29
C SER A 49 -2.31 -1.89 -10.25
N ARG A 50 -2.46 -1.34 -9.06
CA ARG A 50 -1.42 -1.52 -8.01
C ARG A 50 -1.52 -2.90 -7.36
N LEU A 51 -2.72 -3.41 -7.18
CA LEU A 51 -2.86 -4.76 -6.52
C LEU A 51 -4.02 -5.56 -7.13
N GLY A 52 -4.51 -5.19 -8.29
CA GLY A 52 -5.64 -5.94 -8.91
C GLY A 52 -6.86 -5.89 -7.98
N ARG A 53 -7.04 -4.79 -7.28
CA ARG A 53 -8.21 -4.68 -6.35
C ARG A 53 -9.09 -3.51 -6.76
N CYS A 54 -10.39 -3.66 -6.59
CA CYS A 54 -11.36 -2.57 -6.96
C CYS A 54 -11.22 -2.27 -8.46
N CYS A 55 -11.35 -3.29 -9.26
CA CYS A 55 -11.22 -3.13 -10.73
C CYS A 55 -12.60 -3.00 -11.40
N HIS A 56 -13.67 -3.36 -10.73
CA HIS A 56 -15.02 -3.25 -11.34
C HIS A 56 -15.83 -2.16 -10.62
N VAL A 57 -15.19 -1.04 -10.33
CA VAL A 57 -15.90 0.08 -9.64
C VAL A 57 -16.73 0.89 -10.64
N GLY A 58 -18.03 0.94 -10.45
CA GLY A 58 -18.90 1.72 -11.37
C GLY A 58 -19.20 0.90 -12.63
N LYS A 59 -20.33 0.24 -12.68
CA LYS A 59 -20.69 -0.57 -13.88
C LYS A 59 -22.21 -0.77 -13.95
N GLY A 60 -22.73 -1.01 -15.13
CA GLY A 60 -24.20 -1.20 -15.29
C GLY A 60 -24.87 0.14 -15.55
N TYR A 61 -25.66 0.22 -16.60
CA TYR A 61 -26.36 1.50 -16.92
C TYR A 61 -27.60 1.69 -16.03
N SER A 62 -28.16 2.87 -16.02
CA SER A 62 -29.36 3.13 -15.18
C SER A 62 -30.63 2.60 -15.88
N GLY A 63 -31.72 2.56 -15.18
CA GLY A 63 -33.00 2.06 -15.78
C GLY A 63 -32.90 0.54 -16.02
N GLN A 1 11.26 35.28 33.54
CA GLN A 1 12.29 34.67 34.44
C GLN A 1 13.36 33.95 33.60
N VAL A 2 14.42 33.51 34.24
CA VAL A 2 15.51 32.82 33.50
C VAL A 2 15.09 31.37 33.19
N TYR A 3 15.51 30.86 32.05
CA TYR A 3 15.14 29.45 31.68
C TYR A 3 16.38 28.55 31.74
N LYS A 4 16.46 27.70 32.74
CA LYS A 4 17.63 26.79 32.87
C LYS A 4 17.21 25.47 33.54
N GLY A 5 17.96 24.41 33.32
CA GLY A 5 17.60 23.10 33.93
C GLY A 5 18.70 22.08 33.61
N GLY A 6 18.75 21.60 32.39
CA GLY A 6 19.79 20.60 32.01
C GLY A 6 19.15 19.20 31.95
N TYR A 7 19.68 18.33 31.11
CA TYR A 7 19.12 16.96 31.01
C TYR A 7 19.55 16.10 32.21
N ALA A 8 18.74 16.06 33.23
CA ALA A 8 19.10 15.24 34.44
C ALA A 8 19.07 13.74 34.12
N ARG A 9 18.18 13.33 33.23
CA ARG A 9 18.10 11.87 32.87
C ARG A 9 19.37 11.43 32.12
N PRO A 10 20.09 10.50 32.71
CA PRO A 10 21.34 10.00 32.08
C PRO A 10 21.02 9.06 30.90
N ILE A 11 21.59 9.30 29.76
CA ILE A 11 21.33 8.44 28.57
C ILE A 11 22.27 7.22 28.58
N PRO A 12 21.70 6.06 28.73
CA PRO A 12 22.49 4.80 28.76
C PRO A 12 23.03 4.47 27.35
N ARG A 13 24.15 5.07 27.00
CA ARG A 13 24.77 4.82 25.65
C ARG A 13 23.80 5.19 24.51
N PRO A 14 23.91 6.43 24.07
CA PRO A 14 23.03 6.91 22.96
C PRO A 14 23.49 6.33 21.61
N PRO A 15 22.55 5.75 20.90
CA PRO A 15 22.87 5.14 19.58
C PRO A 15 23.01 6.23 18.50
N PRO A 16 24.13 6.21 17.81
CA PRO A 16 24.39 7.22 16.75
C PRO A 16 23.53 6.93 15.51
N PHE A 17 22.39 7.59 15.39
CA PHE A 17 21.48 7.39 14.22
C PHE A 17 20.94 5.95 14.16
N VAL A 18 19.77 5.77 13.62
CA VAL A 18 19.17 4.40 13.51
C VAL A 18 19.04 3.99 12.04
N ARG A 19 19.40 2.78 11.71
CA ARG A 19 19.31 2.31 10.30
C ARG A 19 18.20 1.25 10.16
N PRO A 20 17.24 1.54 9.31
CA PRO A 20 16.11 0.59 9.08
C PRO A 20 16.59 -0.62 8.26
N LEU A 21 15.67 -1.46 7.87
CA LEU A 21 16.06 -2.67 7.06
C LEU A 21 15.57 -2.52 5.61
N PRO A 22 16.46 -2.03 4.76
CA PRO A 22 16.11 -1.84 3.33
C PRO A 22 16.07 -3.19 2.60
N GLY A 23 14.91 -3.77 2.47
CA GLY A 23 14.79 -5.08 1.76
C GLY A 23 13.33 -5.33 1.37
N GLY A 24 12.78 -4.47 0.54
CA GLY A 24 11.36 -4.66 0.09
C GLY A 24 10.41 -3.95 1.08
N PRO A 25 9.32 -3.45 0.53
CA PRO A 25 8.31 -2.74 1.38
C PRO A 25 7.53 -3.75 2.23
N ILE A 26 6.94 -3.29 3.31
CA ILE A 26 6.15 -4.21 4.18
C ILE A 26 4.72 -3.70 4.34
N GLY A 27 3.79 -4.59 4.59
CA GLY A 27 2.36 -4.18 4.77
C GLY A 27 1.79 -3.68 3.43
N PRO A 28 1.50 -4.62 2.55
CA PRO A 28 0.93 -4.26 1.23
C PRO A 28 -0.58 -3.98 1.33
N TYR A 29 -1.28 -4.73 2.14
CA TYR A 29 -2.76 -4.51 2.29
C TYR A 29 -3.04 -3.40 3.29
N ASN A 30 -2.74 -2.17 2.94
CA ASN A 30 -2.98 -1.04 3.88
C ASN A 30 -3.63 0.16 3.16
N GLY A 31 -4.64 -0.09 2.35
CA GLY A 31 -5.29 1.02 1.61
C GLY A 31 -6.16 0.49 0.46
N CYS A 32 -7.00 -0.49 0.72
CA CYS A 32 -7.87 -1.05 -0.37
C CYS A 32 -8.87 -2.05 0.22
N PRO A 33 -10.07 -1.57 0.48
CA PRO A 33 -11.15 -2.44 1.03
C PRO A 33 -11.64 -3.48 0.01
N VAL A 34 -12.27 -4.53 0.48
CA VAL A 34 -12.78 -5.59 -0.46
C VAL A 34 -14.10 -5.15 -1.10
N SER A 35 -14.94 -4.45 -0.36
CA SER A 35 -16.25 -3.99 -0.93
C SER A 35 -16.05 -2.92 -2.01
N CYS A 36 -14.87 -2.33 -2.08
CA CYS A 36 -14.62 -1.26 -3.11
C CYS A 36 -15.62 -0.10 -2.95
N ARG A 37 -16.11 0.12 -1.75
CA ARG A 37 -17.07 1.23 -1.53
C ARG A 37 -16.42 2.33 -0.67
N GLY A 38 -16.82 3.56 -0.86
CA GLY A 38 -16.22 4.68 -0.07
C GLY A 38 -14.84 5.04 -0.63
N ILE A 39 -14.65 4.93 -1.93
CA ILE A 39 -13.32 5.27 -2.52
C ILE A 39 -13.50 6.23 -3.70
N SER A 40 -12.51 7.02 -4.00
CA SER A 40 -12.60 7.96 -5.13
C SER A 40 -12.25 7.24 -6.44
N PHE A 41 -12.63 7.80 -7.57
CA PHE A 41 -12.30 7.15 -8.87
C PHE A 41 -10.78 6.99 -8.99
N SER A 42 -10.03 7.98 -8.59
CA SER A 42 -8.54 7.88 -8.66
C SER A 42 -8.03 6.84 -7.67
N GLN A 43 -8.65 6.74 -6.51
CA GLN A 43 -8.21 5.73 -5.51
C GLN A 43 -8.49 4.32 -6.02
N ALA A 44 -9.62 4.12 -6.66
CA ALA A 44 -9.96 2.76 -7.20
C ALA A 44 -9.06 2.43 -8.39
N ARG A 45 -8.70 3.41 -9.17
CA ARG A 45 -7.79 3.16 -10.34
C ARG A 45 -6.39 2.81 -9.87
N SER A 46 -5.97 3.36 -8.75
CA SER A 46 -4.61 3.08 -8.22
C SER A 46 -4.50 1.65 -7.68
N CYS A 47 -5.48 1.18 -6.94
CA CYS A 47 -5.39 -0.21 -6.38
C CYS A 47 -5.68 -1.26 -7.46
N CYS A 48 -6.47 -0.94 -8.45
CA CYS A 48 -6.76 -1.95 -9.52
C CYS A 48 -5.47 -2.33 -10.26
N SER A 49 -4.63 -1.37 -10.56
CA SER A 49 -3.36 -1.69 -11.26
C SER A 49 -2.27 -2.09 -10.26
N ARG A 50 -2.38 -1.65 -9.03
CA ARG A 50 -1.36 -1.99 -8.01
C ARG A 50 -1.60 -3.39 -7.42
N LEU A 51 -2.84 -3.79 -7.28
CA LEU A 51 -3.12 -5.14 -6.68
C LEU A 51 -4.30 -5.85 -7.38
N GLY A 52 -4.80 -5.34 -8.48
CA GLY A 52 -5.93 -6.00 -9.18
C GLY A 52 -7.21 -5.92 -8.30
N ARG A 53 -7.32 -4.91 -7.48
CA ARG A 53 -8.54 -4.78 -6.61
C ARG A 53 -9.33 -3.53 -6.97
N CYS A 54 -10.63 -3.61 -6.88
CA CYS A 54 -11.53 -2.45 -7.20
C CYS A 54 -11.35 -2.07 -8.67
N CYS A 55 -11.46 -3.04 -9.53
CA CYS A 55 -11.30 -2.80 -10.99
C CYS A 55 -12.66 -2.62 -11.69
N HIS A 56 -13.75 -2.79 -10.97
CA HIS A 56 -15.09 -2.62 -11.60
C HIS A 56 -15.92 -1.61 -10.79
N VAL A 57 -15.33 -0.48 -10.47
CA VAL A 57 -16.07 0.56 -9.68
C VAL A 57 -16.79 1.53 -10.61
N GLY A 58 -17.96 2.00 -10.23
CA GLY A 58 -18.73 2.95 -11.08
C GLY A 58 -19.65 2.18 -12.02
N LYS A 59 -20.86 2.67 -12.21
CA LYS A 59 -21.83 1.96 -13.11
C LYS A 59 -21.39 2.10 -14.58
N GLY A 60 -20.89 1.04 -15.16
CA GLY A 60 -20.43 1.09 -16.58
C GLY A 60 -18.93 1.40 -16.63
N TYR A 61 -18.36 1.42 -17.81
CA TYR A 61 -16.90 1.71 -17.93
C TYR A 61 -16.63 3.21 -17.72
N SER A 62 -15.45 3.54 -17.27
CA SER A 62 -15.08 4.98 -17.01
C SER A 62 -16.03 5.62 -16.00
N GLY A 63 -15.81 6.86 -15.67
CA GLY A 63 -16.68 7.55 -14.69
C GLY A 63 -16.04 8.89 -14.28
N GLN A 1 -10.24 -18.25 45.20
CA GLN A 1 -9.23 -17.23 45.58
C GLN A 1 -8.07 -17.23 44.58
N VAL A 2 -7.14 -16.32 44.74
CA VAL A 2 -5.98 -16.24 43.80
C VAL A 2 -4.88 -17.21 44.26
N TYR A 3 -4.37 -18.02 43.36
CA TYR A 3 -3.31 -18.98 43.74
C TYR A 3 -1.96 -18.57 43.11
N LYS A 4 -1.04 -18.09 43.91
CA LYS A 4 0.29 -17.68 43.37
C LYS A 4 1.41 -18.26 44.23
N GLY A 5 1.76 -19.50 44.00
CA GLY A 5 2.85 -20.14 44.81
C GLY A 5 2.33 -20.46 46.22
N GLY A 6 2.57 -19.59 47.16
CA GLY A 6 2.10 -19.83 48.55
C GLY A 6 2.74 -18.80 49.50
N TYR A 7 3.98 -19.00 49.85
CA TYR A 7 4.66 -18.02 50.75
C TYR A 7 5.44 -17.00 49.92
N ALA A 8 4.83 -15.87 49.64
CA ALA A 8 5.51 -14.82 48.83
C ALA A 8 4.92 -13.44 49.13
N ARG A 9 5.40 -12.41 48.47
CA ARG A 9 4.87 -11.03 48.71
C ARG A 9 4.40 -10.41 47.39
N PRO A 10 3.52 -9.45 47.51
CA PRO A 10 2.97 -8.77 46.29
C PRO A 10 4.02 -7.83 45.68
N ILE A 11 4.31 -8.00 44.42
CA ILE A 11 5.33 -7.12 43.75
C ILE A 11 4.66 -5.87 43.15
N PRO A 12 5.05 -4.72 43.65
CA PRO A 12 4.49 -3.44 43.16
C PRO A 12 5.07 -3.09 41.78
N ARG A 13 4.62 -3.77 40.75
CA ARG A 13 5.14 -3.50 39.38
C ARG A 13 4.41 -2.29 38.76
N PRO A 14 5.18 -1.44 38.11
CA PRO A 14 4.60 -0.23 37.47
C PRO A 14 3.79 -0.61 36.22
N PRO A 15 2.86 0.25 35.87
CA PRO A 15 2.00 0.01 34.68
C PRO A 15 2.81 0.21 33.37
N PRO A 16 2.88 -0.84 32.58
CA PRO A 16 3.63 -0.77 31.30
C PRO A 16 2.83 0.01 30.25
N PHE A 17 3.30 0.00 29.02
CA PHE A 17 2.59 0.73 27.93
C PHE A 17 1.23 0.09 27.64
N VAL A 18 0.34 0.83 27.04
CA VAL A 18 -1.02 0.29 26.72
C VAL A 18 -0.93 -0.71 25.56
N ARG A 19 -1.50 -1.88 25.74
CA ARG A 19 -1.44 -2.92 24.66
C ARG A 19 -2.70 -2.84 23.77
N PRO A 20 -2.48 -2.64 22.50
CA PRO A 20 -3.60 -2.56 21.53
C PRO A 20 -4.21 -3.94 21.27
N LEU A 21 -5.12 -4.03 20.32
CA LEU A 21 -5.76 -5.34 20.00
C LEU A 21 -4.75 -6.30 19.36
N PRO A 22 -4.98 -7.58 19.53
CA PRO A 22 -4.08 -8.62 18.95
C PRO A 22 -4.22 -8.67 17.42
N GLY A 23 -3.13 -8.58 16.71
CA GLY A 23 -3.20 -8.63 15.22
C GLY A 23 -1.99 -7.90 14.63
N GLY A 24 -2.19 -6.73 14.06
CA GLY A 24 -1.05 -5.97 13.46
C GLY A 24 -0.71 -6.54 12.08
N PRO A 25 -1.38 -6.04 11.07
CA PRO A 25 -1.14 -6.51 9.68
C PRO A 25 0.19 -5.97 9.15
N ILE A 26 0.92 -6.79 8.43
CA ILE A 26 2.24 -6.34 7.88
C ILE A 26 2.24 -6.46 6.34
N GLY A 27 3.16 -5.81 5.69
CA GLY A 27 3.23 -5.87 4.20
C GLY A 27 2.44 -4.71 3.58
N PRO A 28 2.58 -4.57 2.28
CA PRO A 28 1.87 -3.48 1.54
C PRO A 28 0.35 -3.73 1.47
N TYR A 29 -0.11 -4.90 1.84
CA TYR A 29 -1.57 -5.20 1.78
C TYR A 29 -2.31 -4.47 2.92
N ASN A 30 -2.42 -3.17 2.83
CA ASN A 30 -3.12 -2.39 3.90
C ASN A 30 -3.52 -0.99 3.39
N GLY A 31 -4.05 -0.91 2.19
CA GLY A 31 -4.46 0.43 1.65
C GLY A 31 -5.48 0.24 0.52
N CYS A 32 -6.44 -0.63 0.72
CA CYS A 32 -7.48 -0.86 -0.35
C CYS A 32 -8.60 -1.78 0.19
N PRO A 33 -9.77 -1.22 0.34
CA PRO A 33 -10.92 -2.03 0.85
C PRO A 33 -11.40 -3.02 -0.23
N VAL A 34 -11.94 -4.14 0.18
CA VAL A 34 -12.43 -5.14 -0.82
C VAL A 34 -13.82 -4.74 -1.35
N SER A 35 -14.59 -4.04 -0.55
CA SER A 35 -15.95 -3.61 -1.01
C SER A 35 -15.87 -2.47 -2.05
N CYS A 36 -14.70 -1.87 -2.21
CA CYS A 36 -14.53 -0.74 -3.19
C CYS A 36 -15.50 0.41 -2.88
N ARG A 37 -15.90 0.54 -1.63
CA ARG A 37 -16.83 1.64 -1.24
C ARG A 37 -16.10 2.66 -0.37
N GLY A 38 -16.57 3.89 -0.34
CA GLY A 38 -15.91 4.93 0.50
C GLY A 38 -14.55 5.31 -0.12
N ILE A 39 -14.42 5.22 -1.43
CA ILE A 39 -13.12 5.58 -2.08
C ILE A 39 -13.37 6.51 -3.27
N SER A 40 -12.37 7.25 -3.67
CA SER A 40 -12.54 8.17 -4.82
C SER A 40 -12.39 7.39 -6.13
N PHE A 41 -12.90 7.91 -7.22
CA PHE A 41 -12.77 7.19 -8.52
C PHE A 41 -11.29 6.95 -8.83
N SER A 42 -10.46 7.94 -8.63
CA SER A 42 -9.00 7.78 -8.89
C SER A 42 -8.39 6.81 -7.88
N GLN A 43 -8.87 6.84 -6.65
CA GLN A 43 -8.33 5.91 -5.60
C GLN A 43 -8.64 4.46 -5.98
N ALA A 44 -9.83 4.20 -6.47
CA ALA A 44 -10.21 2.81 -6.87
C ALA A 44 -9.36 2.39 -8.09
N ARG A 45 -9.11 3.30 -8.99
CA ARG A 45 -8.28 2.96 -10.19
C ARG A 45 -6.85 2.61 -9.77
N SER A 46 -6.31 3.35 -8.82
CA SER A 46 -4.91 3.10 -8.36
C SER A 46 -4.77 1.69 -7.76
N CYS A 47 -5.70 1.27 -6.93
CA CYS A 47 -5.59 -0.10 -6.32
C CYS A 47 -5.77 -1.19 -7.38
N CYS A 48 -6.61 -0.96 -8.36
CA CYS A 48 -6.82 -2.01 -9.41
C CYS A 48 -5.50 -2.34 -10.12
N SER A 49 -4.71 -1.34 -10.43
CA SER A 49 -3.42 -1.59 -11.13
C SER A 49 -2.30 -1.97 -10.15
N ARG A 50 -2.44 -1.60 -8.90
CA ARG A 50 -1.37 -1.95 -7.91
C ARG A 50 -1.69 -3.24 -7.15
N LEU A 51 -2.95 -3.59 -7.01
CA LEU A 51 -3.31 -4.84 -6.26
C LEU A 51 -4.40 -5.67 -6.98
N GLY A 52 -4.84 -5.25 -8.14
CA GLY A 52 -5.90 -6.04 -8.86
C GLY A 52 -7.22 -5.97 -8.08
N ARG A 53 -7.44 -4.92 -7.32
CA ARG A 53 -8.70 -4.80 -6.53
C ARG A 53 -9.51 -3.59 -7.00
N CYS A 54 -10.82 -3.70 -6.97
CA CYS A 54 -11.71 -2.58 -7.41
C CYS A 54 -11.44 -2.28 -8.88
N CYS A 55 -11.52 -3.29 -9.70
CA CYS A 55 -11.24 -3.12 -11.15
C CYS A 55 -12.55 -3.02 -11.96
N HIS A 56 -13.68 -3.16 -11.33
CA HIS A 56 -14.98 -3.07 -12.07
C HIS A 56 -15.91 -2.06 -11.38
N VAL A 57 -15.40 -0.91 -11.02
CA VAL A 57 -16.25 0.12 -10.36
C VAL A 57 -16.90 1.04 -11.40
N GLY A 58 -18.11 1.48 -11.15
CA GLY A 58 -18.80 2.39 -12.11
C GLY A 58 -19.51 1.56 -13.19
N LYS A 59 -20.68 1.06 -12.89
CA LYS A 59 -21.44 0.25 -13.89
C LYS A 59 -22.90 0.06 -13.43
N GLY A 60 -23.84 0.50 -14.23
CA GLY A 60 -25.27 0.34 -13.84
C GLY A 60 -25.74 1.59 -13.07
N TYR A 61 -26.90 2.10 -13.39
CA TYR A 61 -27.42 3.30 -12.68
C TYR A 61 -27.83 2.93 -11.25
N SER A 62 -27.82 3.89 -10.36
CA SER A 62 -28.20 3.61 -8.93
C SER A 62 -29.24 4.63 -8.45
N GLY A 63 -29.90 4.33 -7.35
CA GLY A 63 -30.92 5.26 -6.81
C GLY A 63 -31.66 4.59 -5.66
N GLN A 1 27.53 16.17 9.03
CA GLN A 1 27.16 17.30 8.12
C GLN A 1 27.27 16.86 6.65
N VAL A 2 26.86 17.71 5.74
CA VAL A 2 26.94 17.35 4.29
C VAL A 2 27.79 18.39 3.54
N TYR A 3 28.91 17.97 3.00
CA TYR A 3 29.79 18.92 2.26
C TYR A 3 29.25 19.14 0.83
N LYS A 4 29.36 20.34 0.33
CA LYS A 4 28.86 20.63 -1.06
C LYS A 4 29.86 20.11 -2.11
N GLY A 5 29.38 19.42 -3.11
CA GLY A 5 30.28 18.87 -4.16
C GLY A 5 30.26 19.79 -5.39
N GLY A 6 29.10 20.02 -5.96
CA GLY A 6 29.03 20.91 -7.15
C GLY A 6 27.56 21.00 -7.63
N TYR A 7 27.00 19.89 -8.05
CA TYR A 7 25.56 19.88 -8.52
C TYR A 7 25.40 20.75 -9.77
N ALA A 8 25.28 20.15 -10.93
CA ALA A 8 25.09 20.93 -12.18
C ALA A 8 23.62 21.32 -12.36
N ARG A 9 23.27 21.87 -13.49
CA ARG A 9 21.85 22.25 -13.73
C ARG A 9 20.98 21.02 -13.99
N PRO A 10 19.92 20.89 -13.23
CA PRO A 10 18.99 19.73 -13.37
C PRO A 10 18.15 19.86 -14.66
N ILE A 11 18.24 18.89 -15.53
CA ILE A 11 17.45 18.96 -16.80
C ILE A 11 16.02 18.42 -16.57
N PRO A 12 15.05 19.22 -16.96
CA PRO A 12 13.62 18.82 -16.80
C PRO A 12 13.25 17.76 -17.84
N ARG A 13 13.87 16.60 -17.79
CA ARG A 13 13.55 15.52 -18.76
C ARG A 13 14.10 14.17 -18.25
N PRO A 14 13.45 13.65 -17.23
CA PRO A 14 13.87 12.35 -16.64
C PRO A 14 13.51 11.19 -17.57
N PRO A 15 14.22 10.09 -17.40
CA PRO A 15 13.97 8.88 -18.23
C PRO A 15 12.70 8.16 -17.76
N PRO A 16 11.97 7.63 -18.72
CA PRO A 16 10.72 6.90 -18.41
C PRO A 16 11.03 5.53 -17.79
N PHE A 17 11.26 5.49 -16.50
CA PHE A 17 11.58 4.19 -15.83
C PHE A 17 11.01 4.17 -14.41
N VAL A 18 10.74 3.00 -13.90
CA VAL A 18 10.18 2.89 -12.51
C VAL A 18 11.32 2.76 -11.50
N ARG A 19 11.17 3.37 -10.35
CA ARG A 19 12.24 3.28 -9.32
C ARG A 19 11.80 2.37 -8.16
N PRO A 20 12.57 1.33 -7.94
CA PRO A 20 12.25 0.37 -6.84
C PRO A 20 12.55 0.99 -5.48
N LEU A 21 12.18 0.32 -4.42
CA LEU A 21 12.44 0.85 -3.05
C LEU A 21 13.00 -0.25 -2.15
N PRO A 22 14.17 -0.02 -1.61
CA PRO A 22 14.82 -1.03 -0.72
C PRO A 22 14.08 -1.11 0.62
N GLY A 23 13.50 -2.25 0.91
CA GLY A 23 12.75 -2.41 2.20
C GLY A 23 11.25 -2.34 1.92
N GLY A 24 10.76 -1.19 1.54
CA GLY A 24 9.30 -1.06 1.25
C GLY A 24 8.55 -0.66 2.53
N PRO A 25 7.37 -0.10 2.34
CA PRO A 25 6.54 0.33 3.50
C PRO A 25 5.92 -0.89 4.20
N ILE A 26 5.79 -0.84 5.50
CA ILE A 26 5.19 -1.99 6.24
C ILE A 26 3.69 -2.08 5.97
N GLY A 27 3.16 -3.27 6.02
CA GLY A 27 1.69 -3.46 5.76
C GLY A 27 1.36 -3.06 4.32
N PRO A 28 1.74 -3.92 3.39
CA PRO A 28 1.47 -3.66 1.95
C PRO A 28 -0.01 -3.91 1.62
N TYR A 29 -0.54 -5.03 2.04
CA TYR A 29 -1.97 -5.35 1.76
C TYR A 29 -2.86 -4.69 2.83
N ASN A 30 -2.87 -3.38 2.87
CA ASN A 30 -3.69 -2.66 3.88
C ASN A 30 -4.04 -1.24 3.39
N GLY A 31 -4.37 -1.09 2.14
CA GLY A 31 -4.72 0.26 1.60
C GLY A 31 -5.71 0.13 0.43
N CYS A 32 -6.68 -0.74 0.56
CA CYS A 32 -7.68 -0.94 -0.53
C CYS A 32 -8.81 -1.87 -0.05
N PRO A 33 -9.97 -1.30 0.22
CA PRO A 33 -11.12 -2.13 0.69
C PRO A 33 -11.66 -2.98 -0.46
N VAL A 34 -12.03 -4.21 -0.18
CA VAL A 34 -12.57 -5.11 -1.26
C VAL A 34 -13.95 -4.63 -1.73
N SER A 35 -14.68 -3.94 -0.88
CA SER A 35 -16.05 -3.46 -1.29
C SER A 35 -15.95 -2.24 -2.23
N CYS A 36 -14.77 -1.66 -2.38
CA CYS A 36 -14.61 -0.47 -3.29
C CYS A 36 -15.56 0.68 -2.86
N ARG A 37 -15.91 0.73 -1.61
CA ARG A 37 -16.82 1.82 -1.13
C ARG A 37 -16.05 2.81 -0.27
N GLY A 38 -16.47 4.06 -0.27
CA GLY A 38 -15.78 5.10 0.56
C GLY A 38 -14.43 5.47 -0.08
N ILE A 39 -14.31 5.36 -1.39
CA ILE A 39 -13.03 5.73 -2.06
C ILE A 39 -13.31 6.61 -3.27
N SER A 40 -12.32 7.36 -3.69
CA SER A 40 -12.50 8.25 -4.88
C SER A 40 -12.37 7.43 -6.16
N PHE A 41 -12.85 7.93 -7.26
CA PHE A 41 -12.75 7.19 -8.56
C PHE A 41 -11.28 6.89 -8.86
N SER A 42 -10.43 7.89 -8.76
CA SER A 42 -8.97 7.66 -9.02
C SER A 42 -8.37 6.73 -7.96
N GLN A 43 -8.85 6.81 -6.75
CA GLN A 43 -8.33 5.91 -5.67
C GLN A 43 -8.64 4.45 -6.01
N ALA A 44 -9.84 4.19 -6.46
CA ALA A 44 -10.21 2.79 -6.84
C ALA A 44 -9.42 2.36 -8.09
N ARG A 45 -9.19 3.28 -9.00
CA ARG A 45 -8.41 2.96 -10.23
C ARG A 45 -6.97 2.59 -9.86
N SER A 46 -6.39 3.30 -8.91
CA SER A 46 -4.98 3.01 -8.49
C SER A 46 -4.86 1.60 -7.91
N CYS A 47 -5.77 1.20 -7.05
CA CYS A 47 -5.67 -0.17 -6.45
C CYS A 47 -5.86 -1.25 -7.51
N CYS A 48 -6.68 -1.01 -8.50
CA CYS A 48 -6.90 -2.04 -9.56
C CYS A 48 -5.58 -2.37 -10.27
N SER A 49 -4.79 -1.38 -10.58
CA SER A 49 -3.48 -1.65 -11.26
C SER A 49 -2.37 -1.93 -10.25
N ARG A 50 -2.48 -1.41 -9.05
CA ARG A 50 -1.41 -1.65 -8.03
C ARG A 50 -1.64 -2.96 -7.27
N LEU A 51 -2.87 -3.37 -7.10
CA LEU A 51 -3.14 -4.65 -6.35
C LEU A 51 -4.17 -5.54 -7.07
N GLY A 52 -4.61 -5.17 -8.25
CA GLY A 52 -5.63 -6.01 -8.96
C GLY A 52 -6.92 -6.06 -8.14
N ARG A 53 -7.23 -5.01 -7.43
CA ARG A 53 -8.47 -4.98 -6.59
C ARG A 53 -9.30 -3.75 -6.95
N CYS A 54 -10.61 -3.86 -6.84
CA CYS A 54 -11.52 -2.72 -7.18
C CYS A 54 -11.33 -2.36 -8.65
N CYS A 55 -11.30 -3.37 -9.48
CA CYS A 55 -11.11 -3.16 -10.95
C CYS A 55 -12.46 -2.96 -11.67
N HIS A 56 -13.56 -3.20 -11.01
CA HIS A 56 -14.89 -3.03 -11.66
C HIS A 56 -15.69 -1.94 -10.92
N VAL A 57 -15.04 -0.86 -10.58
CA VAL A 57 -15.75 0.25 -9.85
C VAL A 57 -16.57 1.10 -10.83
N GLY A 58 -17.87 1.13 -10.66
CA GLY A 58 -18.74 1.93 -11.57
C GLY A 58 -19.19 1.08 -12.76
N LYS A 59 -20.41 1.27 -13.21
CA LYS A 59 -20.92 0.49 -14.37
C LYS A 59 -22.16 1.16 -14.98
N GLY A 60 -22.14 1.47 -16.25
CA GLY A 60 -23.31 2.12 -16.90
C GLY A 60 -23.19 3.64 -16.81
N TYR A 61 -24.18 4.35 -17.30
CA TYR A 61 -24.13 5.85 -17.24
C TYR A 61 -24.54 6.34 -15.84
N SER A 62 -24.18 7.55 -15.50
CA SER A 62 -24.53 8.11 -14.16
C SER A 62 -26.00 8.54 -14.14
N GLY A 63 -26.53 8.79 -12.97
CA GLY A 63 -27.96 9.23 -12.85
C GLY A 63 -28.04 10.75 -13.01
N GLN A 1 27.41 -1.83 56.79
CA GLN A 1 28.06 -1.34 55.54
C GLN A 1 27.26 -1.78 54.31
N VAL A 2 27.67 -1.32 53.15
CA VAL A 2 26.95 -1.70 51.90
C VAL A 2 27.94 -2.14 50.82
N TYR A 3 27.54 -3.03 49.95
CA TYR A 3 28.46 -3.51 48.87
C TYR A 3 27.99 -2.96 47.52
N LYS A 4 28.32 -1.72 47.23
CA LYS A 4 27.90 -1.11 45.94
C LYS A 4 28.91 -0.04 45.51
N GLY A 5 29.69 -0.33 44.49
CA GLY A 5 30.70 0.67 44.02
C GLY A 5 30.04 1.68 43.09
N GLY A 6 30.82 2.42 42.35
CA GLY A 6 30.24 3.44 41.42
C GLY A 6 31.32 3.91 40.45
N TYR A 7 31.52 3.18 39.37
CA TYR A 7 32.56 3.58 38.37
C TYR A 7 31.90 4.28 37.17
N ALA A 8 32.58 5.24 36.58
CA ALA A 8 32.01 5.97 35.41
C ALA A 8 30.59 6.47 35.72
N ARG A 9 29.66 6.29 34.81
CA ARG A 9 28.26 6.75 35.06
C ARG A 9 27.26 5.74 34.46
N PRO A 10 26.40 5.22 35.30
CA PRO A 10 25.38 4.25 34.84
C PRO A 10 24.32 4.94 33.99
N ILE A 11 23.85 4.28 32.95
CA ILE A 11 22.81 4.88 32.05
C ILE A 11 23.31 6.23 31.50
N PRO A 12 24.25 6.16 30.59
CA PRO A 12 24.83 7.38 29.99
C PRO A 12 23.86 7.97 28.95
N ARG A 13 24.32 8.93 28.19
CA ARG A 13 23.45 9.57 27.16
C ARG A 13 23.13 8.57 26.04
N PRO A 14 21.86 8.23 25.93
CA PRO A 14 21.42 7.26 24.88
C PRO A 14 21.47 7.91 23.48
N PRO A 15 21.81 7.11 22.50
CA PRO A 15 21.89 7.62 21.10
C PRO A 15 20.48 7.77 20.49
N PRO A 16 20.30 8.86 19.77
CA PRO A 16 18.98 9.12 19.13
C PRO A 16 18.76 8.18 17.94
N PHE A 17 18.08 7.09 18.14
CA PHE A 17 17.83 6.13 17.02
C PHE A 17 16.74 6.67 16.08
N VAL A 18 16.85 6.39 14.82
CA VAL A 18 15.83 6.88 13.83
C VAL A 18 14.65 5.90 13.77
N ARG A 19 13.50 6.38 13.35
CA ARG A 19 12.30 5.48 13.27
C ARG A 19 12.59 4.30 12.32
N PRO A 20 12.55 3.10 12.86
CA PRO A 20 12.81 1.89 12.06
C PRO A 20 11.65 1.61 11.11
N LEU A 21 11.83 0.68 10.19
CA LEU A 21 10.75 0.35 9.22
C LEU A 21 10.24 1.61 8.50
N PRO A 22 11.11 2.23 7.76
CA PRO A 22 10.75 3.47 7.02
C PRO A 22 10.03 3.12 5.71
N GLY A 23 9.07 3.93 5.31
CA GLY A 23 8.34 3.66 4.04
C GLY A 23 7.15 2.75 4.29
N GLY A 24 6.28 3.11 5.21
CA GLY A 24 5.09 2.26 5.51
C GLY A 24 5.46 1.15 6.50
N PRO A 25 4.58 0.90 7.43
CA PRO A 25 4.81 -0.16 8.45
C PRO A 25 4.59 -1.56 7.86
N ILE A 26 4.79 -2.59 8.65
CA ILE A 26 4.60 -3.99 8.16
C ILE A 26 3.13 -4.23 7.76
N GLY A 27 2.91 -5.18 6.90
CA GLY A 27 1.50 -5.47 6.45
C GLY A 27 1.18 -4.66 5.20
N PRO A 28 1.55 -5.20 4.06
CA PRO A 28 1.29 -4.49 2.77
C PRO A 28 -0.19 -4.57 2.38
N TYR A 29 -0.93 -5.51 2.91
CA TYR A 29 -2.37 -5.63 2.56
C TYR A 29 -3.23 -4.70 3.44
N ASN A 30 -2.84 -3.46 3.55
CA ASN A 30 -3.62 -2.50 4.39
C ASN A 30 -3.75 -1.14 3.68
N GLY A 31 -4.01 -1.15 2.40
CA GLY A 31 -4.14 0.13 1.65
C GLY A 31 -5.16 -0.02 0.50
N CYS A 32 -6.22 -0.75 0.74
CA CYS A 32 -7.27 -0.94 -0.32
C CYS A 32 -8.43 -1.78 0.24
N PRO A 33 -9.59 -1.17 0.36
CA PRO A 33 -10.78 -1.91 0.88
C PRO A 33 -11.25 -2.95 -0.16
N VAL A 34 -11.83 -4.03 0.30
CA VAL A 34 -12.30 -5.10 -0.65
C VAL A 34 -13.64 -4.69 -1.29
N SER A 35 -14.46 -3.96 -0.58
CA SER A 35 -15.78 -3.53 -1.15
C SER A 35 -15.59 -2.41 -2.19
N CYS A 36 -14.44 -1.76 -2.19
CA CYS A 36 -14.19 -0.65 -3.16
C CYS A 36 -15.25 0.46 -3.00
N ARG A 37 -15.76 0.63 -1.80
CA ARG A 37 -16.79 1.67 -1.56
C ARG A 37 -16.23 2.77 -0.65
N GLY A 38 -16.75 3.96 -0.74
CA GLY A 38 -16.25 5.08 0.12
C GLY A 38 -14.87 5.53 -0.36
N ILE A 39 -14.63 5.50 -1.66
CA ILE A 39 -13.31 5.93 -2.20
C ILE A 39 -13.51 6.72 -3.49
N SER A 40 -12.52 7.48 -3.90
CA SER A 40 -12.64 8.28 -5.16
C SER A 40 -12.39 7.38 -6.37
N PHE A 41 -12.82 7.81 -7.53
CA PHE A 41 -12.57 6.99 -8.76
C PHE A 41 -11.07 6.77 -8.94
N SER A 42 -10.29 7.82 -8.76
CA SER A 42 -8.80 7.68 -8.90
C SER A 42 -8.26 6.75 -7.81
N GLN A 43 -8.79 6.84 -6.61
CA GLN A 43 -8.33 5.94 -5.51
C GLN A 43 -8.64 4.48 -5.85
N ALA A 44 -9.84 4.24 -6.34
CA ALA A 44 -10.22 2.84 -6.73
C ALA A 44 -9.39 2.42 -7.95
N ARG A 45 -9.14 3.34 -8.84
CA ARG A 45 -8.32 3.03 -10.04
C ARG A 45 -6.88 2.69 -9.63
N SER A 46 -6.39 3.35 -8.61
CA SER A 46 -4.99 3.10 -8.15
C SER A 46 -4.83 1.67 -7.62
N CYS A 47 -5.74 1.22 -6.78
CA CYS A 47 -5.63 -0.18 -6.24
C CYS A 47 -5.80 -1.22 -7.34
N CYS A 48 -6.64 -0.94 -8.32
CA CYS A 48 -6.84 -1.95 -9.42
C CYS A 48 -5.50 -2.26 -10.10
N SER A 49 -4.68 -1.26 -10.34
CA SER A 49 -3.37 -1.51 -10.98
C SER A 49 -2.32 -1.93 -9.94
N ARG A 50 -2.51 -1.52 -8.70
CA ARG A 50 -1.53 -1.87 -7.63
C ARG A 50 -1.74 -3.31 -7.13
N LEU A 51 -2.98 -3.76 -7.07
CA LEU A 51 -3.23 -5.15 -6.56
C LEU A 51 -4.36 -5.86 -7.34
N GLY A 52 -4.79 -5.31 -8.45
CA GLY A 52 -5.89 -5.98 -9.22
C GLY A 52 -7.20 -5.94 -8.42
N ARG A 53 -7.36 -4.97 -7.55
CA ARG A 53 -8.62 -4.89 -6.74
C ARG A 53 -9.42 -3.63 -7.11
N CYS A 54 -10.72 -3.76 -7.14
CA CYS A 54 -11.61 -2.60 -7.51
C CYS A 54 -11.36 -2.22 -8.97
N CYS A 55 -11.49 -3.17 -9.85
CA CYS A 55 -11.25 -2.92 -11.29
C CYS A 55 -12.57 -2.81 -12.08
N HIS A 56 -13.70 -2.94 -11.44
CA HIS A 56 -14.99 -2.83 -12.16
C HIS A 56 -16.00 -2.01 -11.35
N VAL A 57 -15.61 -0.84 -10.90
CA VAL A 57 -16.56 0.02 -10.11
C VAL A 57 -17.24 1.04 -11.03
N GLY A 58 -18.52 1.24 -10.87
CA GLY A 58 -19.25 2.23 -11.72
C GLY A 58 -19.83 1.52 -12.95
N LYS A 59 -20.69 2.20 -13.68
CA LYS A 59 -21.29 1.58 -14.89
C LYS A 59 -21.18 2.56 -16.08
N GLY A 60 -20.22 2.35 -16.94
CA GLY A 60 -20.05 3.26 -18.12
C GLY A 60 -19.42 4.57 -17.66
N TYR A 61 -18.13 4.70 -17.82
CA TYR A 61 -17.43 5.96 -17.40
C TYR A 61 -17.38 6.96 -18.56
N SER A 62 -17.17 8.22 -18.27
CA SER A 62 -17.10 9.26 -19.35
C SER A 62 -15.79 9.14 -20.13
N GLY A 63 -15.65 9.91 -21.18
CA GLY A 63 -14.40 9.86 -21.99
C GLY A 63 -14.48 8.69 -22.97
N GLN A 1 21.97 9.41 29.04
CA GLN A 1 21.36 8.58 27.96
C GLN A 1 22.14 7.27 27.79
N VAL A 2 21.67 6.41 26.92
CA VAL A 2 22.37 5.11 26.69
C VAL A 2 23.13 5.16 25.35
N TYR A 3 24.36 4.71 25.34
CA TYR A 3 25.18 4.72 24.08
C TYR A 3 25.36 6.15 23.56
N LYS A 4 26.51 6.74 23.81
CA LYS A 4 26.76 8.14 23.35
C LYS A 4 26.90 8.17 21.82
N GLY A 5 25.87 8.59 21.13
CA GLY A 5 25.94 8.65 19.63
C GLY A 5 26.58 9.97 19.19
N GLY A 6 26.35 10.37 17.97
CA GLY A 6 26.94 11.65 17.47
C GLY A 6 26.34 12.00 16.10
N TYR A 7 26.22 13.27 15.80
CA TYR A 7 25.64 13.67 14.49
C TYR A 7 26.75 13.74 13.42
N ALA A 8 27.07 12.63 12.82
CA ALA A 8 28.13 12.61 11.77
C ALA A 8 27.98 11.38 10.87
N ARG A 9 28.56 11.41 9.70
CA ARG A 9 28.44 10.25 8.77
C ARG A 9 29.80 9.53 8.65
N PRO A 10 29.90 8.40 9.30
CA PRO A 10 31.16 7.61 9.28
C PRO A 10 31.36 6.96 7.90
N ILE A 11 32.53 7.14 7.31
CA ILE A 11 32.81 6.54 5.96
C ILE A 11 31.72 6.97 4.96
N PRO A 12 31.73 8.25 4.62
CA PRO A 12 30.74 8.80 3.67
C PRO A 12 31.10 8.39 2.24
N ARG A 13 30.97 7.12 1.92
CA ARG A 13 31.30 6.65 0.54
C ARG A 13 30.48 5.39 0.22
N PRO A 14 29.57 5.54 -0.72
CA PRO A 14 28.71 4.38 -1.12
C PRO A 14 29.51 3.39 -1.97
N PRO A 15 29.25 2.12 -1.75
CA PRO A 15 29.95 1.05 -2.51
C PRO A 15 29.41 0.95 -3.94
N PRO A 16 30.30 0.66 -4.87
CA PRO A 16 29.89 0.53 -6.29
C PRO A 16 29.12 -0.78 -6.52
N PHE A 17 27.91 -0.84 -6.05
CA PHE A 17 27.09 -2.08 -6.21
C PHE A 17 25.60 -1.78 -6.02
N VAL A 18 24.75 -2.59 -6.59
CA VAL A 18 23.28 -2.38 -6.45
C VAL A 18 22.61 -3.65 -5.91
N ARG A 19 21.60 -3.51 -5.09
CA ARG A 19 20.91 -4.70 -4.52
C ARG A 19 19.77 -5.15 -5.46
N PRO A 20 19.92 -6.34 -6.01
CA PRO A 20 18.89 -6.88 -6.94
C PRO A 20 17.68 -7.42 -6.15
N LEU A 21 16.70 -7.93 -6.85
CA LEU A 21 15.47 -8.48 -6.19
C LEU A 21 14.69 -7.39 -5.43
N PRO A 22 13.42 -7.64 -5.22
CA PRO A 22 12.55 -6.68 -4.50
C PRO A 22 12.82 -6.74 -2.99
N GLY A 23 13.50 -5.74 -2.46
CA GLY A 23 13.80 -5.74 -0.99
C GLY A 23 12.94 -4.68 -0.30
N GLY A 24 11.77 -5.07 0.15
CA GLY A 24 10.87 -4.08 0.85
C GLY A 24 9.96 -3.42 -0.18
N PRO A 25 8.82 -4.03 -0.40
CA PRO A 25 7.84 -3.47 -1.38
C PRO A 25 7.16 -2.21 -0.81
N ILE A 26 6.66 -1.35 -1.68
CA ILE A 26 6.00 -0.11 -1.21
C ILE A 26 4.48 -0.22 -1.37
N GLY A 27 3.73 0.32 -0.44
CA GLY A 27 2.24 0.25 -0.53
C GLY A 27 1.77 -1.12 -0.06
N PRO A 28 1.68 -1.28 1.25
CA PRO A 28 1.24 -2.57 1.83
C PRO A 28 -0.29 -2.72 1.70
N TYR A 29 -0.85 -3.73 2.34
CA TYR A 29 -2.32 -3.94 2.27
C TYR A 29 -3.04 -2.97 3.23
N ASN A 30 -2.90 -1.69 3.00
CA ASN A 30 -3.55 -0.69 3.89
C ASN A 30 -4.10 0.51 3.08
N GLY A 31 -4.65 0.25 1.92
CA GLY A 31 -5.20 1.37 1.10
C GLY A 31 -6.12 0.83 0.00
N CYS A 32 -6.93 -0.15 0.32
CA CYS A 32 -7.86 -0.72 -0.71
C CYS A 32 -8.88 -1.67 -0.04
N PRO A 33 -10.06 -1.16 0.20
CA PRO A 33 -11.13 -1.98 0.84
C PRO A 33 -11.63 -3.06 -0.14
N VAL A 34 -12.13 -4.16 0.38
CA VAL A 34 -12.64 -5.26 -0.50
C VAL A 34 -14.02 -4.91 -1.06
N SER A 35 -14.81 -4.14 -0.35
CA SER A 35 -16.17 -3.78 -0.85
C SER A 35 -16.08 -2.74 -1.99
N CYS A 36 -14.92 -2.15 -2.19
CA CYS A 36 -14.76 -1.11 -3.28
C CYS A 36 -15.74 0.05 -3.10
N ARG A 37 -16.18 0.30 -1.89
CA ARG A 37 -17.14 1.42 -1.64
C ARG A 37 -16.47 2.47 -0.75
N GLY A 38 -16.97 3.68 -0.78
CA GLY A 38 -16.37 4.76 0.06
C GLY A 38 -14.96 5.09 -0.43
N ILE A 39 -14.68 4.90 -1.69
CA ILE A 39 -13.33 5.21 -2.23
C ILE A 39 -13.43 6.17 -3.41
N SER A 40 -12.42 6.96 -3.63
CA SER A 40 -12.44 7.91 -4.78
C SER A 40 -12.16 7.15 -6.07
N PHE A 41 -12.51 7.72 -7.20
CA PHE A 41 -12.24 7.01 -8.50
C PHE A 41 -10.74 6.74 -8.63
N SER A 42 -9.92 7.70 -8.33
CA SER A 42 -8.44 7.49 -8.42
C SER A 42 -7.99 6.45 -7.38
N GLN A 43 -8.61 6.44 -6.22
CA GLN A 43 -8.25 5.43 -5.18
C GLN A 43 -8.53 4.02 -5.72
N ALA A 44 -9.67 3.85 -6.34
CA ALA A 44 -10.02 2.52 -6.92
C ALA A 44 -9.13 2.24 -8.14
N ARG A 45 -8.80 3.27 -8.89
CA ARG A 45 -7.94 3.09 -10.08
C ARG A 45 -6.50 2.70 -9.66
N SER A 46 -6.04 3.24 -8.55
CA SER A 46 -4.66 2.92 -8.07
C SER A 46 -4.57 1.46 -7.60
N CYS A 47 -5.57 0.98 -6.89
CA CYS A 47 -5.52 -0.43 -6.39
C CYS A 47 -5.72 -1.43 -7.53
N CYS A 48 -6.49 -1.08 -8.53
CA CYS A 48 -6.72 -2.03 -9.67
C CYS A 48 -5.42 -2.27 -10.44
N SER A 49 -4.67 -1.24 -10.70
CA SER A 49 -3.39 -1.41 -11.47
C SER A 49 -2.24 -1.90 -10.60
N ARG A 50 -2.33 -1.72 -9.30
CA ARG A 50 -1.20 -2.18 -8.41
C ARG A 50 -1.55 -3.49 -7.70
N LEU A 51 -2.80 -3.83 -7.55
CA LEU A 51 -3.17 -5.10 -6.85
C LEU A 51 -4.25 -5.90 -7.59
N GLY A 52 -4.85 -5.34 -8.62
CA GLY A 52 -5.92 -6.09 -9.35
C GLY A 52 -7.21 -6.10 -8.50
N ARG A 53 -7.40 -5.12 -7.65
CA ARG A 53 -8.62 -5.08 -6.79
C ARG A 53 -9.43 -3.80 -7.06
N CYS A 54 -10.73 -3.88 -6.92
CA CYS A 54 -11.62 -2.69 -7.17
C CYS A 54 -11.42 -2.23 -8.61
N CYS A 55 -11.42 -3.16 -9.52
CA CYS A 55 -11.21 -2.84 -10.96
C CYS A 55 -12.56 -2.52 -11.65
N HIS A 56 -13.67 -2.82 -11.02
CA HIS A 56 -14.99 -2.54 -11.63
C HIS A 56 -15.76 -1.52 -10.78
N VAL A 57 -15.10 -0.48 -10.36
CA VAL A 57 -15.77 0.57 -9.52
C VAL A 57 -16.59 1.52 -10.41
N GLY A 58 -17.89 1.53 -10.22
CA GLY A 58 -18.75 2.43 -11.05
C GLY A 58 -19.23 1.68 -12.29
N LYS A 59 -20.52 1.61 -12.51
CA LYS A 59 -21.05 0.90 -13.72
C LYS A 59 -20.67 1.65 -14.99
N GLY A 60 -19.56 1.30 -15.60
CA GLY A 60 -19.11 2.00 -16.83
C GLY A 60 -18.23 3.19 -16.43
N TYR A 61 -17.99 4.10 -17.33
CA TYR A 61 -17.14 5.29 -16.99
C TYR A 61 -17.74 6.05 -15.81
N SER A 62 -16.90 6.51 -14.91
CA SER A 62 -17.41 7.27 -13.72
C SER A 62 -16.31 8.18 -13.16
N GLY A 63 -16.62 8.89 -12.12
CA GLY A 63 -15.61 9.81 -11.50
C GLY A 63 -16.17 10.39 -10.21
N GLN A 1 26.12 -25.31 35.91
CA GLN A 1 26.26 -24.13 35.00
C GLN A 1 26.11 -22.83 35.80
N VAL A 2 26.24 -21.71 35.14
CA VAL A 2 26.10 -20.37 35.83
C VAL A 2 27.24 -20.17 36.87
N TYR A 3 27.44 -18.96 37.31
CA TYR A 3 28.51 -18.69 38.31
C TYR A 3 28.00 -17.75 39.41
N LYS A 4 28.53 -17.88 40.60
CA LYS A 4 28.09 -16.99 41.73
C LYS A 4 29.13 -15.90 41.96
N GLY A 5 28.93 -14.74 41.38
CA GLY A 5 29.91 -13.63 41.57
C GLY A 5 31.12 -13.84 40.65
N GLY A 6 30.88 -14.01 39.37
CA GLY A 6 32.01 -14.22 38.41
C GLY A 6 31.46 -14.30 36.99
N TYR A 7 31.46 -13.20 36.28
CA TYR A 7 30.94 -13.20 34.87
C TYR A 7 32.05 -13.68 33.90
N ALA A 8 31.75 -14.68 33.11
CA ALA A 8 32.77 -15.19 32.14
C ALA A 8 32.10 -16.07 31.08
N ARG A 9 31.41 -17.11 31.49
CA ARG A 9 30.73 -18.00 30.50
C ARG A 9 29.45 -17.34 29.96
N PRO A 10 29.03 -17.79 28.80
CA PRO A 10 27.81 -17.23 28.18
C PRO A 10 26.54 -17.69 28.94
N ILE A 11 25.61 -16.80 29.14
CA ILE A 11 24.36 -17.17 29.88
C ILE A 11 23.28 -17.62 28.88
N PRO A 12 22.64 -18.72 29.20
CA PRO A 12 21.56 -19.26 28.33
C PRO A 12 20.31 -18.38 28.38
N ARG A 13 20.37 -17.22 27.77
CA ARG A 13 19.19 -16.30 27.77
C ARG A 13 19.17 -15.48 26.46
N PRO A 14 18.07 -15.59 25.75
CA PRO A 14 17.93 -14.85 24.46
C PRO A 14 17.67 -13.35 24.73
N PRO A 15 18.58 -12.52 24.27
CA PRO A 15 18.44 -11.06 24.47
C PRO A 15 17.40 -10.48 23.49
N PRO A 16 16.66 -9.50 23.96
CA PRO A 16 15.61 -8.86 23.12
C PRO A 16 16.26 -7.91 22.10
N PHE A 17 16.78 -8.46 21.02
CA PHE A 17 17.43 -7.60 19.98
C PHE A 17 16.42 -7.19 18.91
N VAL A 18 16.61 -6.03 18.33
CA VAL A 18 15.67 -5.54 17.27
C VAL A 18 16.45 -5.19 16.00
N ARG A 19 15.86 -5.41 14.85
CA ARG A 19 16.56 -5.10 13.57
C ARG A 19 16.21 -3.67 13.12
N PRO A 20 17.19 -2.80 13.15
CA PRO A 20 16.99 -1.39 12.73
C PRO A 20 16.87 -1.28 11.21
N LEU A 21 16.67 -0.07 10.71
CA LEU A 21 16.54 0.14 9.23
C LEU A 21 15.45 -0.77 8.64
N PRO A 22 14.22 -0.44 8.92
CA PRO A 22 13.08 -1.23 8.40
C PRO A 22 12.86 -0.94 6.90
N GLY A 23 12.50 -1.93 6.14
CA GLY A 23 12.27 -1.73 4.67
C GLY A 23 10.78 -1.55 4.40
N GLY A 24 10.19 -0.51 4.93
CA GLY A 24 8.72 -0.28 4.71
C GLY A 24 7.91 -0.99 5.80
N PRO A 25 6.65 -0.64 5.88
CA PRO A 25 5.75 -1.25 6.89
C PRO A 25 5.42 -2.70 6.52
N ILE A 26 5.12 -3.52 7.50
CA ILE A 26 4.79 -4.95 7.20
C ILE A 26 3.31 -5.09 6.80
N GLY A 27 3.01 -6.06 5.98
CA GLY A 27 1.60 -6.25 5.53
C GLY A 27 1.25 -5.25 4.43
N PRO A 28 1.61 -5.58 3.21
CA PRO A 28 1.33 -4.69 2.05
C PRO A 28 -0.17 -4.71 1.70
N TYR A 29 -0.82 -5.83 1.89
CA TYR A 29 -2.29 -5.93 1.56
C TYR A 29 -3.11 -5.31 2.70
N ASN A 30 -2.97 -4.02 2.93
CA ASN A 30 -3.74 -3.34 4.01
C ASN A 30 -4.04 -1.89 3.64
N GLY A 31 -4.34 -1.63 2.40
CA GLY A 31 -4.65 -0.23 1.98
C GLY A 31 -5.56 -0.23 0.75
N CYS A 32 -6.58 -1.05 0.77
CA CYS A 32 -7.53 -1.12 -0.40
C CYS A 32 -8.77 -1.95 -0.03
N PRO A 33 -9.87 -1.27 0.19
CA PRO A 33 -11.13 -1.98 0.55
C PRO A 33 -11.67 -2.75 -0.66
N VAL A 34 -11.94 -4.03 -0.48
CA VAL A 34 -12.47 -4.86 -1.63
C VAL A 34 -13.83 -4.32 -2.08
N SER A 35 -14.62 -3.78 -1.17
CA SER A 35 -15.96 -3.24 -1.55
C SER A 35 -15.82 -1.94 -2.36
N CYS A 36 -14.64 -1.34 -2.37
CA CYS A 36 -14.43 -0.06 -3.13
C CYS A 36 -15.40 1.03 -2.67
N ARG A 37 -15.80 1.01 -1.41
CA ARG A 37 -16.74 2.05 -0.90
C ARG A 37 -15.98 3.04 -0.02
N GLY A 38 -16.30 4.31 -0.13
CA GLY A 38 -15.60 5.34 0.70
C GLY A 38 -14.33 5.84 -0.02
N ILE A 39 -14.04 5.35 -1.20
CA ILE A 39 -12.83 5.82 -1.94
C ILE A 39 -13.23 6.52 -3.24
N SER A 40 -12.36 7.35 -3.76
CA SER A 40 -12.68 8.08 -5.02
C SER A 40 -12.47 7.18 -6.23
N PHE A 41 -12.99 7.58 -7.37
CA PHE A 41 -12.80 6.77 -8.61
C PHE A 41 -11.30 6.59 -8.88
N SER A 42 -10.55 7.67 -8.84
CA SER A 42 -9.07 7.57 -9.07
C SER A 42 -8.43 6.68 -8.00
N GLN A 43 -8.91 6.76 -6.78
CA GLN A 43 -8.35 5.91 -5.69
C GLN A 43 -8.64 4.44 -6.00
N ALA A 44 -9.85 4.14 -6.41
CA ALA A 44 -10.21 2.72 -6.75
C ALA A 44 -9.46 2.28 -8.01
N ARG A 45 -9.31 3.19 -8.96
CA ARG A 45 -8.57 2.85 -10.21
C ARG A 45 -7.09 2.64 -9.91
N SER A 46 -6.55 3.41 -9.00
CA SER A 46 -5.11 3.29 -8.63
C SER A 46 -4.83 1.91 -8.00
N CYS A 47 -5.69 1.45 -7.12
CA CYS A 47 -5.45 0.12 -6.47
C CYS A 47 -5.62 -1.02 -7.47
N CYS A 48 -6.54 -0.91 -8.40
CA CYS A 48 -6.73 -2.01 -9.40
C CYS A 48 -5.42 -2.27 -10.16
N SER A 49 -4.71 -1.23 -10.51
CA SER A 49 -3.43 -1.40 -11.26
C SER A 49 -2.26 -1.67 -10.30
N ARG A 50 -2.44 -1.44 -9.02
CA ARG A 50 -1.33 -1.67 -8.05
C ARG A 50 -1.52 -3.00 -7.30
N LEU A 51 -2.75 -3.40 -7.06
CA LEU A 51 -3.00 -4.67 -6.30
C LEU A 51 -4.07 -5.56 -6.98
N GLY A 52 -4.65 -5.12 -8.07
CA GLY A 52 -5.69 -5.95 -8.74
C GLY A 52 -7.02 -5.87 -7.96
N ARG A 53 -7.22 -4.83 -7.19
CA ARG A 53 -8.49 -4.69 -6.41
C ARG A 53 -9.32 -3.52 -6.92
N CYS A 54 -10.62 -3.58 -6.77
CA CYS A 54 -11.51 -2.48 -7.26
C CYS A 54 -11.33 -2.33 -8.76
N CYS A 55 -11.47 -3.41 -9.48
CA CYS A 55 -11.27 -3.39 -10.95
C CYS A 55 -12.62 -3.44 -11.69
N HIS A 56 -13.73 -3.31 -10.99
CA HIS A 56 -15.05 -3.36 -11.67
C HIS A 56 -16.05 -2.43 -10.97
N VAL A 57 -15.64 -1.21 -10.67
CA VAL A 57 -16.57 -0.26 -9.99
C VAL A 57 -17.05 0.81 -10.97
N GLY A 58 -18.34 0.99 -11.09
CA GLY A 58 -18.89 2.01 -12.04
C GLY A 58 -19.15 1.37 -13.41
N LYS A 59 -20.02 1.96 -14.19
CA LYS A 59 -20.32 1.40 -15.55
C LYS A 59 -21.10 2.44 -16.39
N GLY A 60 -20.75 2.58 -17.64
CA GLY A 60 -21.46 3.55 -18.52
C GLY A 60 -21.07 4.99 -18.14
N TYR A 61 -21.72 5.97 -18.72
CA TYR A 61 -21.38 7.39 -18.39
C TYR A 61 -21.82 7.71 -16.96
N SER A 62 -21.03 8.47 -16.25
CA SER A 62 -21.38 8.83 -14.84
C SER A 62 -20.58 10.04 -14.38
N GLY A 63 -20.96 10.63 -13.27
CA GLY A 63 -20.22 11.82 -12.76
C GLY A 63 -19.10 11.36 -11.82
N GLN A 1 20.99 27.60 -15.03
CA GLN A 1 21.62 27.87 -16.37
C GLN A 1 20.53 28.16 -17.41
N VAL A 2 20.94 28.49 -18.61
CA VAL A 2 19.95 28.78 -19.70
C VAL A 2 20.34 28.02 -20.98
N TYR A 3 19.35 27.62 -21.75
CA TYR A 3 19.63 26.87 -23.02
C TYR A 3 20.46 25.60 -22.73
N LYS A 4 19.82 24.56 -22.27
CA LYS A 4 20.56 23.29 -21.97
C LYS A 4 20.60 22.39 -23.21
N GLY A 5 21.71 21.73 -23.42
CA GLY A 5 21.83 20.82 -24.61
C GLY A 5 22.99 19.86 -24.39
N GLY A 6 24.06 20.00 -25.14
CA GLY A 6 25.22 19.08 -24.99
C GLY A 6 26.26 19.39 -26.07
N TYR A 7 26.85 20.56 -26.03
CA TYR A 7 27.87 20.92 -27.05
C TYR A 7 29.28 20.68 -26.49
N ALA A 8 29.98 19.69 -27.01
CA ALA A 8 31.36 19.37 -26.53
C ALA A 8 31.34 19.11 -25.01
N ARG A 9 30.39 18.33 -24.55
CA ARG A 9 30.31 18.02 -23.09
C ARG A 9 30.04 16.53 -22.88
N PRO A 10 31.10 15.76 -22.83
CA PRO A 10 30.98 14.29 -22.64
C PRO A 10 30.54 13.98 -21.20
N ILE A 11 30.23 12.73 -20.92
CA ILE A 11 29.80 12.34 -19.54
C ILE A 11 30.89 12.70 -18.51
N PRO A 12 30.55 13.61 -17.63
CA PRO A 12 31.51 14.05 -16.58
C PRO A 12 31.62 12.99 -15.47
N ARG A 13 32.26 11.87 -15.76
CA ARG A 13 32.42 10.77 -14.76
C ARG A 13 31.05 10.18 -14.36
N PRO A 14 30.80 8.97 -14.79
CA PRO A 14 29.52 8.30 -14.46
C PRO A 14 29.49 7.89 -12.98
N PRO A 15 28.63 8.53 -12.23
CA PRO A 15 28.51 8.24 -10.78
C PRO A 15 27.84 6.87 -10.55
N PRO A 16 28.01 6.35 -9.36
CA PRO A 16 27.41 5.03 -9.01
C PRO A 16 25.89 5.16 -8.84
N PHE A 17 25.14 4.80 -9.85
CA PHE A 17 23.65 4.90 -9.76
C PHE A 17 23.09 3.79 -8.86
N VAL A 18 21.87 3.96 -8.40
CA VAL A 18 21.24 2.94 -7.51
C VAL A 18 20.90 1.67 -8.31
N ARG A 19 20.91 0.54 -7.67
CA ARG A 19 20.57 -0.73 -8.39
C ARG A 19 19.07 -0.81 -8.70
N PRO A 20 18.76 -1.15 -9.94
CA PRO A 20 17.35 -1.25 -10.38
C PRO A 20 16.69 -2.51 -9.79
N LEU A 21 15.49 -2.83 -10.24
CA LEU A 21 14.77 -4.03 -9.74
C LEU A 21 14.50 -3.92 -8.23
N PRO A 22 13.53 -3.11 -7.88
CA PRO A 22 13.17 -2.90 -6.45
C PRO A 22 12.42 -4.13 -5.90
N GLY A 23 12.75 -4.55 -4.71
CA GLY A 23 12.07 -5.73 -4.11
C GLY A 23 11.05 -5.25 -3.07
N GLY A 24 9.78 -5.40 -3.35
CA GLY A 24 8.73 -4.96 -2.37
C GLY A 24 8.36 -3.50 -2.66
N PRO A 25 7.33 -3.34 -3.48
CA PRO A 25 6.86 -1.96 -3.85
C PRO A 25 6.15 -1.30 -2.66
N ILE A 26 6.11 0.01 -2.64
CA ILE A 26 5.44 0.73 -1.52
C ILE A 26 3.91 0.62 -1.62
N GLY A 27 3.21 0.88 -0.54
CA GLY A 27 1.72 0.79 -0.56
C GLY A 27 1.28 -0.61 -0.15
N PRO A 28 1.24 -0.84 1.14
CA PRO A 28 0.83 -2.17 1.68
C PRO A 28 -0.69 -2.33 1.61
N TYR A 29 -1.22 -3.36 2.23
CA TYR A 29 -2.69 -3.58 2.21
C TYR A 29 -3.39 -2.64 3.21
N ASN A 30 -3.28 -1.35 2.99
CA ASN A 30 -3.91 -0.37 3.93
C ASN A 30 -4.55 0.79 3.16
N GLY A 31 -5.19 0.49 2.05
CA GLY A 31 -5.84 1.58 1.25
C GLY A 31 -6.65 0.97 0.10
N CYS A 32 -7.41 -0.06 0.35
CA CYS A 32 -8.23 -0.69 -0.74
C CYS A 32 -9.23 -1.70 -0.13
N PRO A 33 -10.37 -1.20 0.27
CA PRO A 33 -11.43 -2.07 0.86
C PRO A 33 -11.99 -3.04 -0.19
N VAL A 34 -12.23 -4.27 0.20
CA VAL A 34 -12.78 -5.29 -0.76
C VAL A 34 -14.14 -4.84 -1.33
N SER A 35 -14.92 -4.11 -0.57
CA SER A 35 -16.25 -3.63 -1.06
C SER A 35 -16.11 -2.52 -2.11
N CYS A 36 -14.90 -2.05 -2.38
CA CYS A 36 -14.70 -0.96 -3.39
C CYS A 36 -15.54 0.27 -3.04
N ARG A 37 -15.82 0.48 -1.77
CA ARG A 37 -16.63 1.66 -1.37
C ARG A 37 -15.86 2.51 -0.35
N GLY A 38 -16.25 3.75 -0.17
CA GLY A 38 -15.54 4.63 0.81
C GLY A 38 -14.16 5.00 0.25
N ILE A 39 -14.03 5.11 -1.05
CA ILE A 39 -12.73 5.47 -1.67
C ILE A 39 -12.95 6.38 -2.88
N SER A 40 -11.95 7.12 -3.27
CA SER A 40 -12.10 8.03 -4.44
C SER A 40 -11.94 7.24 -5.74
N PHE A 41 -12.40 7.78 -6.84
CA PHE A 41 -12.27 7.06 -8.14
C PHE A 41 -10.79 6.76 -8.41
N SER A 42 -9.93 7.74 -8.21
CA SER A 42 -8.47 7.52 -8.42
C SER A 42 -7.94 6.47 -7.43
N GLN A 43 -8.45 6.48 -6.22
CA GLN A 43 -8.00 5.48 -5.21
C GLN A 43 -8.40 4.08 -5.66
N ALA A 44 -9.61 3.91 -6.13
CA ALA A 44 -10.07 2.57 -6.61
C ALA A 44 -9.34 2.20 -7.90
N ARG A 45 -9.10 3.18 -8.75
CA ARG A 45 -8.38 2.90 -10.04
C ARG A 45 -6.92 2.51 -9.72
N SER A 46 -6.33 3.15 -8.75
CA SER A 46 -4.91 2.84 -8.38
C SER A 46 -4.79 1.39 -7.87
N CYS A 47 -5.71 0.97 -7.02
CA CYS A 47 -5.63 -0.43 -6.47
C CYS A 47 -5.83 -1.46 -7.59
N CYS A 48 -6.57 -1.13 -8.60
CA CYS A 48 -6.80 -2.10 -9.71
C CYS A 48 -5.51 -2.30 -10.53
N SER A 49 -4.81 -1.22 -10.83
CA SER A 49 -3.55 -1.34 -11.64
C SER A 49 -2.35 -1.75 -10.77
N ARG A 50 -2.41 -1.53 -9.48
CA ARG A 50 -1.24 -1.90 -8.62
C ARG A 50 -1.53 -3.17 -7.79
N LEU A 51 -2.78 -3.53 -7.62
CA LEU A 51 -3.08 -4.75 -6.79
C LEU A 51 -4.11 -5.66 -7.48
N GLY A 52 -4.70 -5.25 -8.59
CA GLY A 52 -5.71 -6.11 -9.27
C GLY A 52 -6.99 -6.16 -8.43
N ARG A 53 -7.25 -5.15 -7.63
CA ARG A 53 -8.49 -5.15 -6.80
C ARG A 53 -9.35 -3.92 -7.13
N CYS A 54 -10.65 -4.06 -7.00
CA CYS A 54 -11.59 -2.94 -7.32
C CYS A 54 -11.39 -2.52 -8.78
N CYS A 55 -11.38 -3.49 -9.65
CA CYS A 55 -11.19 -3.21 -11.09
C CYS A 55 -12.53 -3.02 -11.82
N HIS A 56 -13.64 -3.23 -11.14
CA HIS A 56 -14.97 -3.03 -11.79
C HIS A 56 -15.77 -1.97 -11.02
N VAL A 57 -15.15 -0.88 -10.69
CA VAL A 57 -15.87 0.21 -9.93
C VAL A 57 -16.53 1.18 -10.91
N GLY A 58 -17.82 1.42 -10.73
CA GLY A 58 -18.54 2.37 -11.62
C GLY A 58 -19.15 1.61 -12.81
N LYS A 59 -20.46 1.60 -12.92
CA LYS A 59 -21.11 0.89 -14.06
C LYS A 59 -22.18 1.79 -14.69
N GLY A 60 -21.85 2.46 -15.76
CA GLY A 60 -22.84 3.36 -16.43
C GLY A 60 -22.74 4.78 -15.85
N TYR A 61 -23.55 5.68 -16.34
CA TYR A 61 -23.50 7.08 -15.82
C TYR A 61 -24.14 7.15 -14.44
N SER A 62 -23.80 8.16 -13.67
CA SER A 62 -24.38 8.29 -12.29
C SER A 62 -25.90 8.44 -12.38
N GLY A 63 -26.63 7.67 -11.62
CA GLY A 63 -28.12 7.75 -11.65
C GLY A 63 -28.68 6.76 -12.68
N GLN A 1 9.84 -47.31 34.85
CA GLN A 1 9.30 -48.32 33.88
C GLN A 1 10.00 -48.21 32.53
N VAL A 2 9.70 -49.11 31.63
CA VAL A 2 10.34 -49.07 30.27
C VAL A 2 9.73 -47.95 29.42
N TYR A 3 10.54 -47.29 28.63
CA TYR A 3 10.02 -46.18 27.77
C TYR A 3 10.02 -46.61 26.31
N LYS A 4 9.01 -47.35 25.91
CA LYS A 4 8.93 -47.82 24.49
C LYS A 4 7.46 -47.95 24.05
N GLY A 5 7.23 -48.03 22.76
CA GLY A 5 5.84 -48.17 22.25
C GLY A 5 5.83 -49.04 20.99
N GLY A 6 5.09 -50.12 21.02
CA GLY A 6 5.04 -51.02 19.83
C GLY A 6 4.05 -50.47 18.81
N TYR A 7 2.77 -50.62 19.05
CA TYR A 7 1.75 -50.10 18.10
C TYR A 7 1.87 -48.57 17.97
N ALA A 8 1.85 -48.07 16.75
CA ALA A 8 1.96 -46.60 16.51
C ALA A 8 3.32 -46.08 17.02
N ARG A 9 4.34 -46.12 16.19
CA ARG A 9 5.68 -45.65 16.61
C ARG A 9 5.82 -44.14 16.33
N PRO A 10 6.27 -43.42 17.33
CA PRO A 10 6.45 -41.94 17.19
C PRO A 10 7.67 -41.63 16.31
N ILE A 11 7.60 -40.56 15.55
CA ILE A 11 8.75 -40.20 14.67
C ILE A 11 9.75 -39.33 15.45
N PRO A 12 11.02 -39.62 15.26
CA PRO A 12 12.09 -38.86 15.95
C PRO A 12 12.20 -37.44 15.38
N ARG A 13 11.47 -36.52 15.95
CA ARG A 13 11.51 -35.11 15.45
C ARG A 13 11.60 -34.13 16.63
N PRO A 14 12.15 -32.97 16.37
CA PRO A 14 12.30 -31.94 17.42
C PRO A 14 10.94 -31.33 17.77
N PRO A 15 10.74 -31.06 19.05
CA PRO A 15 9.46 -30.47 19.52
C PRO A 15 9.36 -28.99 19.13
N PRO A 16 8.30 -28.65 18.43
CA PRO A 16 8.08 -27.25 17.99
C PRO A 16 7.64 -26.37 19.18
N PHE A 17 8.54 -25.56 19.68
CA PHE A 17 8.19 -24.68 20.85
C PHE A 17 7.21 -23.58 20.42
N VAL A 18 6.52 -23.00 21.36
CA VAL A 18 5.54 -21.92 21.04
C VAL A 18 6.28 -20.61 20.75
N ARG A 19 5.78 -19.84 19.82
CA ARG A 19 6.45 -18.54 19.48
C ARG A 19 5.44 -17.39 19.64
N PRO A 20 5.91 -16.28 20.16
CA PRO A 20 5.03 -15.10 20.36
C PRO A 20 4.65 -14.46 19.02
N LEU A 21 3.63 -13.65 19.02
CA LEU A 21 3.17 -13.00 17.75
C LEU A 21 3.50 -11.50 17.79
N PRO A 22 4.53 -11.12 17.08
CA PRO A 22 4.95 -9.69 17.03
C PRO A 22 3.97 -8.87 16.17
N GLY A 23 3.60 -7.70 16.64
CA GLY A 23 2.66 -6.85 15.84
C GLY A 23 3.45 -5.98 14.86
N GLY A 24 3.21 -4.69 14.85
CA GLY A 24 3.94 -3.78 13.92
C GLY A 24 3.16 -3.66 12.60
N PRO A 25 3.24 -2.49 12.00
CA PRO A 25 2.52 -2.24 10.72
C PRO A 25 3.22 -2.98 9.57
N ILE A 26 2.70 -4.13 9.19
CA ILE A 26 3.31 -4.92 8.08
C ILE A 26 2.27 -5.19 7.00
N GLY A 27 2.69 -5.28 5.77
CA GLY A 27 1.73 -5.55 4.65
C GLY A 27 1.25 -4.22 4.05
N PRO A 28 1.33 -4.13 2.74
CA PRO A 28 0.91 -2.89 2.03
C PRO A 28 -0.63 -2.81 1.89
N TYR A 29 -1.35 -3.77 2.42
CA TYR A 29 -2.85 -3.75 2.31
C TYR A 29 -3.44 -2.75 3.32
N ASN A 30 -3.18 -1.48 3.13
CA ASN A 30 -3.72 -0.46 4.07
C ASN A 30 -4.33 0.72 3.30
N GLY A 31 -5.06 0.44 2.25
CA GLY A 31 -5.68 1.54 1.46
C GLY A 31 -6.42 0.98 0.22
N CYS A 32 -7.18 -0.07 0.40
CA CYS A 32 -7.93 -0.67 -0.76
C CYS A 32 -8.86 -1.79 -0.29
N PRO A 33 -10.05 -1.40 0.12
CA PRO A 33 -11.06 -2.39 0.61
C PRO A 33 -11.62 -3.21 -0.57
N VAL A 34 -11.85 -4.48 -0.36
CA VAL A 34 -12.42 -5.34 -1.47
C VAL A 34 -13.85 -4.90 -1.81
N SER A 35 -14.55 -4.32 -0.85
CA SER A 35 -15.96 -3.87 -1.11
C SER A 35 -15.98 -2.71 -2.14
N CYS A 36 -14.85 -2.06 -2.36
CA CYS A 36 -14.79 -0.93 -3.33
C CYS A 36 -15.78 0.19 -2.96
N ARG A 37 -16.10 0.31 -1.70
CA ARG A 37 -17.06 1.38 -1.26
C ARG A 37 -16.33 2.40 -0.38
N GLY A 38 -16.74 3.64 -0.44
CA GLY A 38 -16.07 4.70 0.38
C GLY A 38 -14.67 4.99 -0.17
N ILE A 39 -14.48 4.85 -1.47
CA ILE A 39 -13.14 5.13 -2.07
C ILE A 39 -13.30 6.16 -3.19
N SER A 40 -12.24 6.87 -3.50
CA SER A 40 -12.29 7.88 -4.58
C SER A 40 -12.10 7.19 -5.93
N PHE A 41 -12.56 7.80 -7.00
CA PHE A 41 -12.40 7.18 -8.34
C PHE A 41 -10.91 6.93 -8.62
N SER A 42 -10.06 7.86 -8.24
CA SER A 42 -8.59 7.69 -8.45
C SER A 42 -8.06 6.59 -7.53
N GLN A 43 -8.59 6.49 -6.32
CA GLN A 43 -8.11 5.43 -5.39
C GLN A 43 -8.47 4.04 -5.93
N ALA A 44 -9.63 3.90 -6.51
CA ALA A 44 -10.04 2.58 -7.07
C ALA A 44 -9.23 2.27 -8.33
N ARG A 45 -8.92 3.27 -9.12
CA ARG A 45 -8.12 3.04 -10.36
C ARG A 45 -6.67 2.69 -10.00
N SER A 46 -6.17 3.22 -8.90
CA SER A 46 -4.76 2.92 -8.50
C SER A 46 -4.64 1.48 -7.98
N CYS A 47 -5.59 1.02 -7.20
CA CYS A 47 -5.50 -0.38 -6.66
C CYS A 47 -5.79 -1.43 -7.74
N CYS A 48 -6.59 -1.11 -8.73
CA CYS A 48 -6.89 -2.12 -9.79
C CYS A 48 -5.58 -2.55 -10.49
N SER A 49 -4.72 -1.62 -10.79
CA SER A 49 -3.43 -1.96 -11.45
C SER A 49 -2.35 -2.26 -10.41
N ARG A 50 -2.48 -1.71 -9.23
CA ARG A 50 -1.46 -1.94 -8.16
C ARG A 50 -1.66 -3.30 -7.48
N LEU A 51 -2.89 -3.75 -7.33
CA LEU A 51 -3.13 -5.06 -6.66
C LEU A 51 -4.27 -5.85 -7.32
N GLY A 52 -4.73 -5.45 -8.48
CA GLY A 52 -5.84 -6.20 -9.14
C GLY A 52 -7.08 -6.19 -8.24
N ARG A 53 -7.27 -5.12 -7.50
CA ARG A 53 -8.44 -5.04 -6.58
C ARG A 53 -9.27 -3.79 -6.91
N CYS A 54 -10.58 -3.91 -6.82
CA CYS A 54 -11.49 -2.75 -7.13
C CYS A 54 -11.25 -2.33 -8.58
N CYS A 55 -11.42 -3.26 -9.48
CA CYS A 55 -11.20 -2.96 -10.92
C CYS A 55 -12.53 -2.61 -11.62
N HIS A 56 -13.65 -2.82 -10.98
CA HIS A 56 -14.96 -2.50 -11.62
C HIS A 56 -15.74 -1.52 -10.74
N VAL A 57 -15.07 -0.51 -10.22
CA VAL A 57 -15.76 0.49 -9.34
C VAL A 57 -16.57 1.48 -10.19
N GLY A 58 -17.87 1.46 -10.08
CA GLY A 58 -18.71 2.42 -10.87
C GLY A 58 -19.01 1.82 -12.25
N LYS A 59 -20.28 1.75 -12.61
CA LYS A 59 -20.64 1.18 -13.95
C LYS A 59 -20.60 2.28 -15.01
N GLY A 60 -19.69 2.17 -15.95
CA GLY A 60 -19.58 3.21 -17.03
C GLY A 60 -18.61 4.30 -16.59
N TYR A 61 -18.40 5.29 -17.41
CA TYR A 61 -17.46 6.40 -17.05
C TYR A 61 -18.14 7.39 -16.10
N SER A 62 -17.36 8.21 -15.43
CA SER A 62 -17.95 9.21 -14.50
C SER A 62 -18.49 10.41 -15.27
N GLY A 63 -19.25 11.26 -14.61
CA GLY A 63 -19.81 12.46 -15.30
C GLY A 63 -21.34 12.39 -15.27
N GLN A 1 12.37 28.93 34.95
CA GLN A 1 11.60 28.36 33.80
C GLN A 1 10.98 27.01 34.18
N VAL A 2 10.21 26.43 33.30
CA VAL A 2 9.59 25.10 33.58
C VAL A 2 10.60 23.99 33.34
N TYR A 3 10.52 22.91 34.09
CA TYR A 3 11.47 21.78 33.91
C TYR A 3 10.87 20.46 34.42
N LYS A 4 11.39 19.35 33.98
CA LYS A 4 10.85 18.02 34.43
C LYS A 4 11.59 17.55 35.70
N GLY A 5 11.24 18.09 36.83
CA GLY A 5 11.90 17.69 38.11
C GLY A 5 10.83 17.30 39.13
N GLY A 6 10.36 16.08 39.09
CA GLY A 6 9.32 15.64 40.07
C GLY A 6 7.93 15.91 39.49
N TYR A 7 7.51 17.15 39.47
CA TYR A 7 6.16 17.50 38.91
C TYR A 7 6.31 18.16 37.54
N ALA A 8 5.76 17.55 36.52
CA ALA A 8 5.86 18.15 35.15
C ALA A 8 4.58 17.83 34.34
N ARG A 9 3.45 18.33 34.78
CA ARG A 9 2.18 18.06 34.04
C ARG A 9 1.47 19.38 33.73
N PRO A 10 1.95 20.06 32.72
CA PRO A 10 1.34 21.36 32.31
C PRO A 10 -0.01 21.13 31.64
N ILE A 11 -1.07 21.66 32.21
CA ILE A 11 -2.44 21.49 31.62
C ILE A 11 -2.77 19.98 31.46
N PRO A 12 -3.17 19.37 32.54
CA PRO A 12 -3.50 17.93 32.53
C PRO A 12 -4.83 17.69 31.79
N ARG A 13 -4.80 17.70 30.47
CA ARG A 13 -6.04 17.47 29.68
C ARG A 13 -5.69 16.90 28.30
N PRO A 14 -5.39 15.63 28.27
CA PRO A 14 -5.01 14.96 27.00
C PRO A 14 -6.24 14.78 26.08
N PRO A 15 -6.00 14.85 24.79
CA PRO A 15 -7.09 14.69 23.80
C PRO A 15 -7.52 13.22 23.70
N PRO A 16 -8.78 13.01 23.41
CA PRO A 16 -9.32 11.63 23.27
C PRO A 16 -8.86 11.00 21.95
N PHE A 17 -7.59 10.66 21.85
CA PHE A 17 -7.07 10.05 20.59
C PHE A 17 -5.84 9.18 20.90
N VAL A 18 -5.64 8.17 20.10
CA VAL A 18 -4.47 7.25 20.33
C VAL A 18 -3.22 7.81 19.64
N ARG A 19 -2.06 7.61 20.24
CA ARG A 19 -0.80 8.11 19.63
C ARG A 19 -0.04 6.96 18.95
N PRO A 20 -0.06 6.96 17.64
CA PRO A 20 0.64 5.89 16.86
C PRO A 20 2.16 6.09 16.93
N LEU A 21 2.90 5.19 16.31
CA LEU A 21 4.39 5.31 16.33
C LEU A 21 4.95 5.17 14.90
N PRO A 22 5.25 6.31 14.30
CA PRO A 22 5.79 6.30 12.92
C PRO A 22 7.27 5.86 12.91
N GLY A 23 7.51 4.60 12.72
CA GLY A 23 8.92 4.09 12.70
C GLY A 23 8.95 2.70 12.07
N GLY A 24 8.89 2.63 10.76
CA GLY A 24 8.91 1.30 10.08
C GLY A 24 7.50 0.71 10.06
N PRO A 25 6.74 1.08 9.05
CA PRO A 25 5.35 0.57 8.94
C PRO A 25 5.33 -0.90 8.49
N ILE A 26 4.38 -1.66 8.98
CA ILE A 26 4.30 -3.11 8.59
C ILE A 26 2.89 -3.44 8.09
N GLY A 27 2.79 -4.32 7.13
CA GLY A 27 1.45 -4.70 6.59
C GLY A 27 1.08 -3.78 5.42
N PRO A 28 1.50 -4.18 4.24
CA PRO A 28 1.21 -3.37 3.02
C PRO A 28 -0.28 -3.47 2.63
N TYR A 29 -0.89 -4.59 2.88
CA TYR A 29 -2.34 -4.76 2.53
C TYR A 29 -3.22 -4.02 3.55
N ASN A 30 -3.18 -2.71 3.54
CA ASN A 30 -4.02 -1.93 4.50
C ASN A 30 -4.41 -0.57 3.90
N GLY A 31 -4.69 -0.54 2.61
CA GLY A 31 -5.10 0.74 1.97
C GLY A 31 -5.90 0.45 0.69
N CYS A 32 -6.81 -0.50 0.74
CA CYS A 32 -7.63 -0.85 -0.45
C CYS A 32 -8.65 -1.94 -0.09
N PRO A 33 -9.81 -1.51 0.38
CA PRO A 33 -10.88 -2.47 0.76
C PRO A 33 -11.43 -3.19 -0.48
N VAL A 34 -11.76 -4.45 -0.35
CA VAL A 34 -12.31 -5.21 -1.52
C VAL A 34 -13.69 -4.66 -1.94
N SER A 35 -14.44 -4.11 -1.00
CA SER A 35 -15.79 -3.55 -1.35
C SER A 35 -15.66 -2.29 -2.21
N CYS A 36 -14.49 -1.66 -2.22
CA CYS A 36 -14.31 -0.42 -3.04
C CYS A 36 -15.28 0.69 -2.59
N ARG A 37 -15.64 0.70 -1.33
CA ARG A 37 -16.58 1.74 -0.83
C ARG A 37 -15.83 2.75 0.05
N GLY A 38 -16.24 4.00 0.01
CA GLY A 38 -15.56 5.05 0.84
C GLY A 38 -14.24 5.47 0.19
N ILE A 39 -14.14 5.40 -1.11
CA ILE A 39 -12.87 5.83 -1.79
C ILE A 39 -13.19 6.64 -3.05
N SER A 40 -12.23 7.36 -3.55
CA SER A 40 -12.46 8.17 -4.79
C SER A 40 -12.36 7.28 -6.02
N PHE A 41 -12.80 7.79 -7.14
CA PHE A 41 -12.74 7.00 -8.41
C PHE A 41 -11.28 6.69 -8.75
N SER A 42 -10.44 7.71 -8.72
CA SER A 42 -9.00 7.50 -9.02
C SER A 42 -8.36 6.58 -7.98
N GLN A 43 -8.79 6.69 -6.74
CA GLN A 43 -8.22 5.81 -5.66
C GLN A 43 -8.58 4.36 -5.95
N ALA A 44 -9.82 4.10 -6.35
CA ALA A 44 -10.22 2.70 -6.67
C ALA A 44 -9.55 2.26 -7.97
N ARG A 45 -9.41 3.16 -8.91
CA ARG A 45 -8.74 2.82 -10.20
C ARG A 45 -7.25 2.55 -9.95
N SER A 46 -6.67 3.25 -9.01
CA SER A 46 -5.22 3.06 -8.70
C SER A 46 -4.97 1.66 -8.13
N CYS A 47 -5.76 1.23 -7.17
CA CYS A 47 -5.54 -0.12 -6.57
C CYS A 47 -5.79 -1.24 -7.59
N CYS A 48 -6.67 -1.03 -8.53
CA CYS A 48 -6.92 -2.10 -9.55
C CYS A 48 -5.63 -2.45 -10.28
N SER A 49 -4.84 -1.45 -10.62
CA SER A 49 -3.56 -1.73 -11.32
C SER A 49 -2.43 -2.00 -10.32
N ARG A 50 -2.55 -1.49 -9.12
CA ARG A 50 -1.49 -1.71 -8.09
C ARG A 50 -1.64 -3.07 -7.40
N LEU A 51 -2.87 -3.51 -7.19
CA LEU A 51 -3.06 -4.82 -6.49
C LEU A 51 -4.17 -5.68 -7.16
N GLY A 52 -4.69 -5.27 -8.29
CA GLY A 52 -5.76 -6.07 -8.95
C GLY A 52 -7.06 -6.02 -8.13
N ARG A 53 -7.26 -4.96 -7.37
CA ARG A 53 -8.50 -4.86 -6.55
C ARG A 53 -9.34 -3.66 -6.99
N CYS A 54 -10.64 -3.78 -6.93
CA CYS A 54 -11.56 -2.67 -7.36
C CYS A 54 -11.35 -2.42 -8.86
N CYS A 55 -11.48 -3.46 -9.63
CA CYS A 55 -11.27 -3.34 -11.11
C CYS A 55 -12.61 -3.28 -11.86
N HIS A 56 -13.72 -3.18 -11.16
CA HIS A 56 -15.04 -3.12 -11.85
C HIS A 56 -15.98 -2.13 -11.14
N VAL A 57 -15.47 -0.98 -10.75
CA VAL A 57 -16.32 0.03 -10.06
C VAL A 57 -16.79 1.10 -11.05
N GLY A 58 -18.08 1.19 -11.27
CA GLY A 58 -18.61 2.20 -12.23
C GLY A 58 -18.59 1.61 -13.64
N LYS A 59 -19.19 0.47 -13.82
CA LYS A 59 -19.22 -0.18 -15.17
C LYS A 59 -20.46 0.28 -15.95
N GLY A 60 -20.43 1.46 -16.50
CA GLY A 60 -21.60 1.97 -17.27
C GLY A 60 -22.55 2.72 -16.33
N TYR A 61 -23.00 3.89 -16.74
CA TYR A 61 -23.93 4.68 -15.87
C TYR A 61 -25.36 4.13 -15.97
N SER A 62 -26.16 4.34 -14.97
CA SER A 62 -27.57 3.82 -15.00
C SER A 62 -28.44 4.72 -15.87
N GLY A 63 -29.20 4.14 -16.77
CA GLY A 63 -30.08 4.94 -17.65
C GLY A 63 -29.29 5.36 -18.90
N GLN A 1 -5.50 13.66 25.89
CA GLN A 1 -5.48 13.27 27.34
C GLN A 1 -4.26 12.40 27.66
N VAL A 2 -4.02 12.15 28.92
CA VAL A 2 -2.84 11.32 29.32
C VAL A 2 -3.03 10.78 30.75
N TYR A 3 -2.49 9.62 31.03
CA TYR A 3 -2.62 9.04 32.40
C TYR A 3 -1.25 8.76 33.01
N LYS A 4 -1.20 8.47 34.29
CA LYS A 4 0.11 8.20 34.98
C LYS A 4 1.06 9.38 34.78
N GLY A 5 0.81 10.46 35.47
CA GLY A 5 1.69 11.67 35.34
C GLY A 5 0.83 12.93 35.32
N GLY A 6 0.76 13.64 36.43
CA GLY A 6 -0.06 14.88 36.47
C GLY A 6 -1.49 14.55 36.93
N TYR A 7 -2.12 15.44 37.66
CA TYR A 7 -3.51 15.18 38.13
C TYR A 7 -4.51 16.02 37.34
N ALA A 8 -5.37 15.38 36.57
CA ALA A 8 -6.36 16.14 35.76
C ALA A 8 -7.73 15.43 35.80
N ARG A 9 -8.79 16.18 35.99
CA ARG A 9 -10.15 15.56 36.04
C ARG A 9 -10.72 15.42 34.63
N PRO A 10 -11.25 14.25 34.34
CA PRO A 10 -11.84 13.97 33.00
C PRO A 10 -13.18 14.71 32.83
N ILE A 11 -13.57 14.95 31.61
CA ILE A 11 -14.86 15.66 31.34
C ILE A 11 -16.04 14.75 31.71
N PRO A 12 -17.05 15.34 32.31
CA PRO A 12 -18.27 14.59 32.71
C PRO A 12 -19.09 14.20 31.48
N ARG A 13 -18.68 13.18 30.78
CA ARG A 13 -19.42 12.75 29.56
C ARG A 13 -19.58 11.22 29.55
N PRO A 14 -20.71 10.76 29.05
CA PRO A 14 -20.97 9.30 28.99
C PRO A 14 -20.06 8.64 27.94
N PRO A 15 -19.64 7.43 28.22
CA PRO A 15 -18.76 6.68 27.29
C PRO A 15 -19.54 6.21 26.05
N PRO A 16 -18.87 6.16 24.93
CA PRO A 16 -19.50 5.70 23.66
C PRO A 16 -19.63 4.18 23.64
N PHE A 17 -19.97 3.63 22.50
CA PHE A 17 -20.13 2.14 22.39
C PHE A 17 -18.77 1.45 22.52
N VAL A 18 -18.77 0.16 22.68
CA VAL A 18 -17.49 -0.60 22.82
C VAL A 18 -16.67 -0.52 21.52
N ARG A 19 -15.37 -0.47 21.65
CA ARG A 19 -14.49 -0.39 20.43
C ARG A 19 -13.94 -1.78 20.09
N PRO A 20 -14.20 -2.21 18.87
CA PRO A 20 -13.71 -3.54 18.42
C PRO A 20 -12.20 -3.51 18.21
N LEU A 21 -11.57 -4.65 18.23
CA LEU A 21 -10.09 -4.71 18.03
C LEU A 21 -9.77 -5.29 16.65
N PRO A 22 -9.33 -4.43 15.75
CA PRO A 22 -8.98 -4.85 14.37
C PRO A 22 -7.66 -5.64 14.38
N GLY A 23 -7.57 -6.68 13.58
CA GLY A 23 -6.33 -7.49 13.53
C GLY A 23 -5.24 -6.77 12.72
N GLY A 24 -5.62 -6.18 11.62
CA GLY A 24 -4.62 -5.45 10.77
C GLY A 24 -4.01 -6.43 9.76
N PRO A 25 -4.46 -6.34 8.53
CA PRO A 25 -3.94 -7.24 7.47
C PRO A 25 -2.52 -6.85 7.07
N ILE A 26 -1.56 -7.71 7.32
CA ILE A 26 -0.14 -7.40 6.96
C ILE A 26 0.05 -7.49 5.45
N GLY A 27 1.14 -6.98 4.94
CA GLY A 27 1.39 -7.03 3.46
C GLY A 27 0.86 -5.76 2.80
N PRO A 28 0.89 -5.75 1.49
CA PRO A 28 0.41 -4.59 0.69
C PRO A 28 -1.11 -4.40 0.83
N TYR A 29 -1.81 -5.36 1.39
CA TYR A 29 -3.30 -5.23 1.54
C TYR A 29 -3.63 -4.39 2.78
N ASN A 30 -3.25 -3.14 2.79
CA ASN A 30 -3.54 -2.26 3.97
C ASN A 30 -4.18 -0.94 3.54
N GLY A 31 -5.02 -0.96 2.53
CA GLY A 31 -5.68 0.30 2.08
C GLY A 31 -6.47 0.05 0.78
N CYS A 32 -7.25 -1.00 0.73
CA CYS A 32 -8.05 -1.28 -0.50
C CYS A 32 -9.07 -2.39 -0.22
N PRO A 33 -10.18 -1.99 0.36
CA PRO A 33 -11.27 -2.96 0.69
C PRO A 33 -11.90 -3.54 -0.58
N VAL A 34 -12.44 -4.73 -0.49
CA VAL A 34 -13.08 -5.38 -1.69
C VAL A 34 -14.35 -4.61 -2.08
N SER A 35 -15.04 -4.03 -1.12
CA SER A 35 -16.30 -3.28 -1.43
C SER A 35 -15.99 -2.00 -2.22
N CYS A 36 -14.75 -1.56 -2.24
CA CYS A 36 -14.39 -0.31 -3.00
C CYS A 36 -15.20 0.89 -2.50
N ARG A 37 -15.58 0.88 -1.23
CA ARG A 37 -16.38 2.02 -0.69
C ARG A 37 -15.48 2.95 0.14
N GLY A 38 -15.84 4.20 0.23
CA GLY A 38 -15.03 5.18 1.02
C GLY A 38 -13.79 5.64 0.22
N ILE A 39 -13.78 5.44 -1.08
CA ILE A 39 -12.61 5.87 -1.89
C ILE A 39 -13.07 6.62 -3.15
N SER A 40 -12.20 7.40 -3.73
CA SER A 40 -12.58 8.17 -4.96
C SER A 40 -12.48 7.26 -6.18
N PHE A 41 -13.10 7.63 -7.26
CA PHE A 41 -13.02 6.80 -8.50
C PHE A 41 -11.56 6.60 -8.90
N SER A 42 -10.81 7.67 -8.97
CA SER A 42 -9.36 7.55 -9.33
C SER A 42 -8.61 6.73 -8.27
N GLN A 43 -8.99 6.86 -7.02
CA GLN A 43 -8.30 6.09 -5.94
C GLN A 43 -8.55 4.58 -6.15
N ALA A 44 -9.77 4.22 -6.48
CA ALA A 44 -10.09 2.77 -6.71
C ALA A 44 -9.38 2.29 -7.99
N ARG A 45 -9.29 3.13 -8.99
CA ARG A 45 -8.61 2.74 -10.26
C ARG A 45 -7.12 2.50 -10.00
N SER A 46 -6.50 3.33 -9.20
CA SER A 46 -5.05 3.16 -8.91
C SER A 46 -4.78 1.83 -8.20
N CYS A 47 -5.61 1.47 -7.24
CA CYS A 47 -5.38 0.18 -6.52
C CYS A 47 -5.56 -1.00 -7.47
N CYS A 48 -6.47 -0.91 -8.41
CA CYS A 48 -6.67 -2.04 -9.37
C CYS A 48 -5.39 -2.31 -10.16
N SER A 49 -4.74 -1.27 -10.61
CA SER A 49 -3.48 -1.45 -11.38
C SER A 49 -2.28 -1.71 -10.45
N ARG A 50 -2.43 -1.49 -9.16
CA ARG A 50 -1.30 -1.73 -8.22
C ARG A 50 -1.47 -3.05 -7.46
N LEU A 51 -2.69 -3.50 -7.25
CA LEU A 51 -2.89 -4.78 -6.50
C LEU A 51 -4.06 -5.62 -7.07
N GLY A 52 -4.62 -5.24 -8.20
CA GLY A 52 -5.74 -6.03 -8.79
C GLY A 52 -6.99 -5.91 -7.90
N ARG A 53 -7.13 -4.82 -7.17
CA ARG A 53 -8.34 -4.64 -6.31
C ARG A 53 -9.20 -3.48 -6.79
N CYS A 54 -10.50 -3.62 -6.69
CA CYS A 54 -11.43 -2.53 -7.16
C CYS A 54 -11.24 -2.32 -8.66
N CYS A 55 -11.39 -3.39 -9.41
CA CYS A 55 -11.20 -3.30 -10.89
C CYS A 55 -12.54 -3.26 -11.64
N HIS A 56 -13.65 -3.34 -10.95
CA HIS A 56 -14.97 -3.30 -11.66
C HIS A 56 -15.97 -2.40 -10.91
N VAL A 57 -15.56 -1.21 -10.54
CA VAL A 57 -16.50 -0.29 -9.82
C VAL A 57 -16.94 0.84 -10.77
N GLY A 58 -18.18 0.82 -11.17
CA GLY A 58 -18.69 1.87 -12.11
C GLY A 58 -18.23 1.56 -13.53
N LYS A 59 -19.04 0.88 -14.30
CA LYS A 59 -18.65 0.54 -15.70
C LYS A 59 -19.31 1.51 -16.68
N GLY A 60 -18.57 2.46 -17.17
CA GLY A 60 -19.14 3.45 -18.14
C GLY A 60 -19.68 4.67 -17.38
N TYR A 61 -20.29 5.60 -18.08
CA TYR A 61 -20.83 6.82 -17.41
C TYR A 61 -22.10 6.47 -16.62
N SER A 62 -22.44 7.27 -15.64
CA SER A 62 -23.66 7.00 -14.82
C SER A 62 -24.18 8.30 -14.20
N GLY A 63 -25.38 8.28 -13.69
CA GLY A 63 -25.97 9.50 -13.07
C GLY A 63 -27.41 9.22 -12.63
N GLN A 1 34.37 14.66 18.29
CA GLN A 1 33.28 15.06 17.35
C GLN A 1 32.37 13.89 17.04
N VAL A 2 31.24 14.15 16.41
CA VAL A 2 30.30 13.05 16.05
C VAL A 2 30.24 12.89 14.53
N TYR A 3 30.18 11.66 14.06
CA TYR A 3 30.11 11.40 12.58
C TYR A 3 31.40 11.84 11.88
N LYS A 4 31.60 11.43 10.66
CA LYS A 4 32.84 11.81 9.91
C LYS A 4 32.49 12.25 8.48
N GLY A 5 33.27 13.15 7.92
CA GLY A 5 33.00 13.61 6.53
C GLY A 5 33.39 12.52 5.53
N GLY A 6 34.63 12.50 5.12
CA GLY A 6 35.07 11.46 4.14
C GLY A 6 34.73 11.90 2.71
N TYR A 7 35.48 11.44 1.75
CA TYR A 7 35.19 11.82 0.33
C TYR A 7 35.51 10.65 -0.60
N ALA A 8 34.61 9.69 -0.69
CA ALA A 8 34.85 8.51 -1.59
C ALA A 8 33.51 7.86 -1.95
N ARG A 9 33.24 7.70 -3.22
CA ARG A 9 31.96 7.06 -3.64
C ARG A 9 32.20 6.12 -4.83
N PRO A 10 32.54 4.90 -4.51
CA PRO A 10 32.80 3.88 -5.58
C PRO A 10 31.48 3.44 -6.21
N ILE A 11 31.41 3.45 -7.53
CA ILE A 11 30.16 3.04 -8.26
C ILE A 11 29.01 4.00 -7.97
N PRO A 12 28.53 4.66 -9.00
CA PRO A 12 27.41 5.62 -8.84
C PRO A 12 26.08 4.88 -8.68
N ARG A 13 25.91 4.16 -7.59
CA ARG A 13 24.65 3.40 -7.36
C ARG A 13 24.55 2.98 -5.89
N PRO A 14 23.36 3.08 -5.34
CA PRO A 14 23.14 2.70 -3.92
C PRO A 14 23.18 1.17 -3.75
N PRO A 15 23.84 0.73 -2.72
CA PRO A 15 23.94 -0.74 -2.44
C PRO A 15 22.62 -1.28 -1.88
N PRO A 16 22.26 -2.47 -2.32
CA PRO A 16 21.00 -3.11 -1.86
C PRO A 16 21.16 -3.63 -0.43
N PHE A 17 21.04 -2.76 0.55
CA PHE A 17 21.18 -3.20 1.97
C PHE A 17 19.89 -3.84 2.47
N VAL A 18 19.99 -4.72 3.43
CA VAL A 18 18.78 -5.40 3.98
C VAL A 18 18.14 -4.53 5.07
N ARG A 19 16.83 -4.49 5.12
CA ARG A 19 16.14 -3.66 6.16
C ARG A 19 15.44 -4.58 7.18
N PRO A 20 15.75 -4.36 8.44
CA PRO A 20 15.13 -5.17 9.52
C PRO A 20 13.66 -4.79 9.72
N LEU A 21 12.99 -5.46 10.63
CA LEU A 21 11.55 -5.14 10.88
C LEU A 21 11.20 -5.42 12.35
N PRO A 22 11.64 -4.52 13.21
CA PRO A 22 11.37 -4.67 14.67
C PRO A 22 9.91 -4.34 14.97
N GLY A 23 9.16 -5.31 15.43
CA GLY A 23 7.72 -5.05 15.75
C GLY A 23 6.83 -5.95 14.87
N GLY A 24 6.82 -5.70 13.58
CA GLY A 24 5.99 -6.53 12.66
C GLY A 24 4.55 -6.00 12.66
N PRO A 25 4.24 -5.16 11.70
CA PRO A 25 2.88 -4.57 11.60
C PRO A 25 1.87 -5.62 11.12
N ILE A 26 0.67 -5.58 11.64
CA ILE A 26 -0.38 -6.58 11.24
C ILE A 26 -1.30 -5.95 10.18
N GLY A 27 -1.69 -6.73 9.19
CA GLY A 27 -2.59 -6.20 8.13
C GLY A 27 -1.75 -5.63 6.98
N PRO A 28 -1.34 -6.50 6.10
CA PRO A 28 -0.50 -6.07 4.93
C PRO A 28 -1.35 -5.30 3.91
N TYR A 29 -2.60 -5.64 3.76
CA TYR A 29 -3.47 -4.93 2.78
C TYR A 29 -3.98 -3.62 3.40
N ASN A 30 -3.13 -2.61 3.46
CA ASN A 30 -3.55 -1.32 4.08
C ASN A 30 -3.58 -0.20 3.03
N GLY A 31 -4.07 -0.47 1.85
CA GLY A 31 -4.12 0.59 0.80
C GLY A 31 -5.21 0.28 -0.23
N CYS A 32 -6.30 -0.36 0.19
CA CYS A 32 -7.41 -0.68 -0.75
C CYS A 32 -8.51 -1.46 -0.03
N PRO A 33 -9.70 -0.90 -0.01
CA PRO A 33 -10.85 -1.59 0.64
C PRO A 33 -11.35 -2.74 -0.26
N VAL A 34 -11.75 -3.83 0.32
CA VAL A 34 -12.24 -4.99 -0.50
C VAL A 34 -13.65 -4.71 -1.07
N SER A 35 -14.44 -3.93 -0.37
CA SER A 35 -15.83 -3.62 -0.87
C SER A 35 -15.80 -2.63 -2.05
N CYS A 36 -14.67 -2.02 -2.33
CA CYS A 36 -14.58 -1.03 -3.46
C CYS A 36 -15.60 0.10 -3.28
N ARG A 37 -15.92 0.43 -2.05
CA ARG A 37 -16.90 1.54 -1.79
C ARG A 37 -16.31 2.54 -0.79
N GLY A 38 -16.84 3.74 -0.78
CA GLY A 38 -16.34 4.79 0.17
C GLY A 38 -14.94 5.24 -0.25
N ILE A 39 -14.68 5.33 -1.53
CA ILE A 39 -13.32 5.77 -2.00
C ILE A 39 -13.45 6.63 -3.26
N SER A 40 -12.45 7.41 -3.55
CA SER A 40 -12.49 8.26 -4.77
C SER A 40 -12.23 7.41 -6.01
N PHE A 41 -12.61 7.89 -7.17
CA PHE A 41 -12.37 7.10 -8.42
C PHE A 41 -10.87 6.83 -8.57
N SER A 42 -10.05 7.82 -8.34
CA SER A 42 -8.58 7.61 -8.46
C SER A 42 -8.11 6.58 -7.41
N GLN A 43 -8.68 6.62 -6.24
CA GLN A 43 -8.29 5.63 -5.18
C GLN A 43 -8.68 4.21 -5.63
N ALA A 44 -9.87 4.06 -6.14
CA ALA A 44 -10.32 2.72 -6.62
C ALA A 44 -9.51 2.30 -7.85
N ARG A 45 -9.19 3.25 -8.71
CA ARG A 45 -8.39 2.92 -9.92
C ARG A 45 -6.95 2.58 -9.52
N SER A 46 -6.43 3.25 -8.52
CA SER A 46 -5.04 2.98 -8.05
C SER A 46 -4.91 1.54 -7.51
N CYS A 47 -5.90 1.07 -6.79
CA CYS A 47 -5.82 -0.31 -6.23
C CYS A 47 -5.89 -1.36 -7.35
N CYS A 48 -6.72 -1.13 -8.34
CA CYS A 48 -6.84 -2.12 -9.46
C CYS A 48 -5.49 -2.30 -10.16
N SER A 49 -4.78 -1.23 -10.40
CA SER A 49 -3.45 -1.34 -11.10
C SER A 49 -2.33 -1.77 -10.14
N ARG A 50 -2.53 -1.64 -8.86
CA ARG A 50 -1.45 -2.03 -7.89
C ARG A 50 -1.77 -3.39 -7.22
N LEU A 51 -3.02 -3.77 -7.12
CA LEU A 51 -3.35 -5.07 -6.46
C LEU A 51 -4.39 -5.90 -7.25
N GLY A 52 -4.94 -5.36 -8.32
CA GLY A 52 -5.95 -6.14 -9.11
C GLY A 52 -7.30 -6.14 -8.37
N ARG A 53 -7.53 -5.16 -7.51
CA ARG A 53 -8.82 -5.11 -6.77
C ARG A 53 -9.61 -3.85 -7.14
N CYS A 54 -10.92 -3.94 -7.13
CA CYS A 54 -11.78 -2.77 -7.48
C CYS A 54 -11.50 -2.37 -8.93
N CYS A 55 -11.47 -3.34 -9.80
CA CYS A 55 -11.18 -3.06 -11.24
C CYS A 55 -12.49 -2.82 -12.02
N HIS A 56 -13.64 -3.03 -11.42
CA HIS A 56 -14.92 -2.80 -12.13
C HIS A 56 -15.80 -1.82 -11.34
N VAL A 57 -15.21 -0.74 -10.87
CA VAL A 57 -15.98 0.27 -10.09
C VAL A 57 -16.76 1.20 -11.03
N GLY A 58 -18.00 1.49 -10.70
CA GLY A 58 -18.81 2.41 -11.57
C GLY A 58 -19.42 1.61 -12.73
N LYS A 59 -20.72 1.46 -12.74
CA LYS A 59 -21.39 0.70 -13.84
C LYS A 59 -22.27 1.65 -14.67
N GLY A 60 -21.77 2.10 -15.79
CA GLY A 60 -22.57 3.03 -16.65
C GLY A 60 -22.27 4.48 -16.25
N TYR A 61 -21.90 5.30 -17.20
CA TYR A 61 -21.60 6.73 -16.88
C TYR A 61 -22.89 7.48 -16.54
N SER A 62 -22.78 8.57 -15.82
CA SER A 62 -23.99 9.36 -15.44
C SER A 62 -23.78 10.84 -15.73
N GLY A 63 -24.85 11.61 -15.75
CA GLY A 63 -24.72 13.06 -16.02
C GLY A 63 -26.12 13.67 -16.23
#